data_6M4J
#
_entry.id   6M4J
#
_cell.length_a   132.264
_cell.length_b   132.264
_cell.length_c   152.636
_cell.angle_alpha   90.000
_cell.angle_beta   90.000
_cell.angle_gamma   120.000
#
_symmetry.space_group_name_H-M   'P 63 2 2'
#
loop_
_entity.id
_entity.type
_entity.pdbx_description
1 polymer 'SspA complex protein'
2 non-polymer "PYRIDOXAL-5'-PHOSPHATE"
3 non-polymer CYSTEINE
4 water water
#
_entity_poly.entity_id   1
_entity_poly.type   'polypeptide(L)'
_entity_poly.pdbx_seq_one_letter_code
;MTKYFDYAASTPVAKGVLESMKPWQSDSFANPSAAHIEAEKALNAIKQAREIIADTLGAMPSEIVFTCGASESNNLAIKG
LAFKRLEEKGHLITSSIEHKCVLNTCGFLESIGFDVTYLTPKASGLISAQQVEEAIRPNTFLITIHHVNNELGTVQPIED
IGNVAFEHDIPFHTDAAQSFCKLDIDVDDMNIDMLSLSGHKVYGPKGIGALYVRDARNSELVPLIHGGGQELGLRGGTSP
TPLIVGLGVAVEHFPSEASAQQTEFEKIINEYSFSRNSGDNALSTTWNVTFENDDEVKRFTSERNWLISQGSASNAMSNT
PSHVLTAIGLSEAEARRTYRISLPPYKV
;
_entity_poly.pdbx_strand_id   A,B
#
loop_
_chem_comp.id
_chem_comp.type
_chem_comp.name
_chem_comp.formula
PLP non-polymer PYRIDOXAL-5'-PHOSPHATE 'C8 H10 N O6 P'
#
# COMPACT_ATOMS: atom_id res chain seq x y z
N THR A 2 30.36 23.78 22.28
CA THR A 2 31.69 24.40 22.49
C THR A 2 32.85 23.43 22.31
N LYS A 3 32.89 22.76 21.17
CA LYS A 3 31.80 22.83 20.24
CA LYS A 3 31.80 22.80 20.23
C LYS A 3 31.33 21.40 19.96
N TYR A 4 30.03 21.31 19.83
CA TYR A 4 29.38 20.02 19.73
C TYR A 4 29.34 19.54 18.30
N PHE A 5 29.97 18.40 18.05
CA PHE A 5 29.95 17.79 16.73
C PHE A 5 29.53 16.33 16.86
N ASP A 6 28.50 16.08 17.65
CA ASP A 6 28.05 14.73 17.93
C ASP A 6 26.57 14.59 17.67
N TYR A 7 26.09 15.23 16.59
CA TYR A 7 24.68 15.19 16.27
C TYR A 7 24.15 13.80 15.95
N ALA A 8 24.99 12.85 15.52
CA ALA A 8 24.49 11.53 15.20
C ALA A 8 24.09 10.83 16.47
N ALA A 9 24.61 11.31 17.60
CA ALA A 9 24.25 10.74 18.91
C ALA A 9 23.00 11.37 19.52
N SER A 10 22.86 12.69 19.42
CA SER A 10 21.60 13.35 19.76
C SER A 10 21.60 14.77 19.28
N THR A 11 20.42 15.36 19.24
CA THR A 11 20.30 16.67 18.68
C THR A 11 19.56 17.57 19.63
N PRO A 12 19.69 18.87 19.42
CA PRO A 12 19.04 19.83 20.30
C PRO A 12 17.58 20.08 19.94
N VAL A 13 16.71 20.13 20.93
CA VAL A 13 15.30 20.34 20.65
C VAL A 13 15.04 21.72 20.08
N ALA A 14 14.34 21.78 18.94
CA ALA A 14 14.08 23.02 18.23
C ALA A 14 13.19 23.92 19.09
N LYS A 15 13.28 25.22 18.93
CA LYS A 15 12.48 26.14 19.75
C LYS A 15 10.99 25.89 19.61
N GLY A 16 10.56 25.64 18.38
CA GLY A 16 9.16 25.37 18.10
C GLY A 16 8.67 24.10 18.77
N VAL A 17 9.55 23.11 18.86
CA VAL A 17 9.25 21.85 19.53
C VAL A 17 9.06 22.07 21.02
N LEU A 18 10.00 22.75 21.65
CA LEU A 18 9.83 23.07 23.05
C LEU A 18 8.56 23.82 23.36
N GLU A 19 8.28 24.87 22.61
CA GLU A 19 7.06 25.63 22.80
C GLU A 19 5.83 24.76 22.69
N SER A 20 5.81 23.88 21.70
CA SER A 20 4.62 23.06 21.46
C SER A 20 4.36 22.06 22.57
N MET A 21 5.42 21.67 23.28
CA MET A 21 5.27 20.77 24.41
C MET A 21 4.67 21.43 25.62
N LYS A 22 4.85 22.74 25.74
CA LYS A 22 4.54 23.43 26.98
C LYS A 22 3.09 23.35 27.47
N PRO A 23 2.11 23.52 26.58
CA PRO A 23 0.74 23.52 27.11
C PRO A 23 0.27 22.17 27.62
N TRP A 24 1.02 21.11 27.37
CA TRP A 24 0.61 19.77 27.75
C TRP A 24 1.30 19.26 28.97
N GLN A 25 1.96 20.17 29.67
CA GLN A 25 2.63 19.83 30.90
C GLN A 25 1.70 20.06 32.10
N SER A 26 1.27 21.29 32.28
CA SER A 26 0.38 21.62 33.40
C SER A 26 -0.93 22.28 32.98
N ASP A 27 -0.98 22.93 31.81
CA ASP A 27 -2.24 23.55 31.35
C ASP A 27 -3.35 22.54 31.02
N SER A 28 -2.99 21.51 30.25
CA SER A 28 -3.91 20.45 29.86
C SER A 28 -3.15 19.15 29.95
N PHE A 29 -3.48 18.32 30.92
CA PHE A 29 -2.56 17.25 31.24
C PHE A 29 -3.29 15.92 31.36
N ALA A 30 -4.46 15.80 30.75
CA ALA A 30 -5.25 14.57 30.91
C ALA A 30 -4.56 13.30 30.38
N ASN A 31 -4.96 12.14 30.89
CA ASN A 31 -4.57 10.88 30.26
C ASN A 31 -5.39 10.78 28.99
N PRO A 32 -4.75 10.64 27.82
CA PRO A 32 -5.53 10.63 26.60
C PRO A 32 -6.51 9.46 26.52
N SER A 33 -6.39 8.48 27.39
CA SER A 33 -7.37 7.42 27.38
C SER A 33 -8.70 7.78 28.02
N ALA A 34 -8.82 8.93 28.65
CA ALA A 34 -9.97 9.20 29.51
C ALA A 34 -11.14 9.57 28.65
N ALA A 35 -12.33 9.61 29.19
CA ALA A 35 -13.44 9.80 28.31
C ALA A 35 -13.91 11.25 28.18
N HIS A 36 -13.19 12.21 28.76
CA HIS A 36 -13.71 13.57 28.88
C HIS A 36 -12.98 14.50 27.96
N ILE A 37 -13.34 15.78 27.99
CA ILE A 37 -12.88 16.74 26.98
C ILE A 37 -11.38 17.00 27.01
N GLU A 38 -10.76 16.90 28.16
CA GLU A 38 -9.34 17.17 28.20
C GLU A 38 -8.58 16.06 27.49
N ALA A 39 -9.08 14.83 27.61
CA ALA A 39 -8.46 13.71 26.86
C ALA A 39 -8.71 13.90 25.37
N GLU A 40 -9.90 14.41 25.03
CA GLU A 40 -10.24 14.72 23.65
C GLU A 40 -9.25 15.68 23.00
N LYS A 41 -8.90 16.74 23.71
CA LYS A 41 -7.94 17.71 23.22
C LYS A 41 -6.56 17.10 23.01
N ALA A 42 -6.08 16.34 23.98
CA ALA A 42 -4.82 15.61 23.81
C ALA A 42 -4.85 14.70 22.59
N LEU A 43 -5.95 13.95 22.46
CA LEU A 43 -6.11 13.02 21.36
C LEU A 43 -6.08 13.67 20.02
N ASN A 44 -6.65 14.84 19.91
CA ASN A 44 -6.62 15.57 18.69
CA ASN A 44 -6.64 15.53 18.65
C ASN A 44 -5.22 16.05 18.31
N ALA A 45 -4.48 16.49 19.30
CA ALA A 45 -3.10 16.92 19.11
C ALA A 45 -2.21 15.74 18.72
N ILE A 46 -2.48 14.58 19.31
CA ILE A 46 -1.75 13.34 19.00
C ILE A 46 -2.02 12.94 17.55
N LYS A 47 -3.30 12.99 17.16
CA LYS A 47 -3.70 12.72 15.78
C LYS A 47 -2.93 13.59 14.79
N GLN A 48 -2.77 14.87 15.08
CA GLN A 48 -2.07 15.73 14.14
C GLN A 48 -0.62 15.28 13.95
N ALA A 49 0.05 14.91 15.04
CA ALA A 49 1.43 14.48 14.95
C ALA A 49 1.56 13.16 14.18
N ARG A 50 0.67 12.23 14.51
CA ARG A 50 0.62 10.94 13.82
C ARG A 50 0.47 11.15 12.28
N GLU A 51 -0.38 12.08 11.89
CA GLU A 51 -0.61 12.37 10.46
C GLU A 51 0.62 12.98 9.79
N ILE A 52 1.29 13.89 10.49
CA ILE A 52 2.51 14.47 9.98
C ILE A 52 3.56 13.38 9.70
N ILE A 53 3.75 12.47 10.64
CA ILE A 53 4.71 11.35 10.50
C ILE A 53 4.31 10.40 9.37
N ALA A 54 3.03 10.01 9.38
CA ALA A 54 2.52 9.18 8.30
C ALA A 54 2.77 9.79 6.93
N ASP A 55 2.41 11.06 6.78
CA ASP A 55 2.63 11.81 5.53
CA ASP A 55 2.63 11.73 5.53
C ASP A 55 4.09 11.75 5.06
N THR A 56 5.02 11.95 6.00
CA THR A 56 6.35 11.99 5.59
C THR A 56 6.86 10.66 5.11
N LEU A 57 6.27 9.54 5.56
CA LEU A 57 6.70 8.20 5.14
C LEU A 57 5.86 7.60 4.02
N GLY A 58 4.84 8.32 3.59
CA GLY A 58 3.89 7.77 2.63
C GLY A 58 3.05 6.66 3.22
N ALA A 59 2.82 6.72 4.54
CA ALA A 59 1.99 5.75 5.25
C ALA A 59 0.63 6.31 5.61
N MET A 60 -0.21 5.43 6.13
CA MET A 60 -1.45 5.83 6.74
C MET A 60 -1.27 6.11 8.23
N PRO A 61 -2.03 7.07 8.77
CA PRO A 61 -1.85 7.42 10.18
C PRO A 61 -1.88 6.21 11.13
N SER A 62 -2.83 5.30 10.92
CA SER A 62 -2.97 4.15 11.80
C SER A 62 -1.75 3.21 11.80
N GLU A 63 -0.91 3.31 10.77
CA GLU A 63 0.29 2.51 10.64
C GLU A 63 1.49 3.05 11.43
N ILE A 64 1.32 4.21 12.08
CA ILE A 64 2.35 4.77 12.96
C ILE A 64 2.10 4.36 14.43
N VAL A 65 3.01 3.57 14.99
CA VAL A 65 2.95 3.14 16.38
C VAL A 65 3.95 3.96 17.18
N PHE A 66 3.49 4.76 18.14
CA PHE A 66 4.44 5.48 18.98
C PHE A 66 5.19 4.58 19.97
N THR A 67 6.46 4.91 20.18
CA THR A 67 7.32 4.17 21.11
C THR A 67 8.19 5.19 21.78
N CYS A 68 9.10 4.70 22.62
CA CYS A 68 9.98 5.71 23.02
CA CYS A 68 10.18 5.52 23.25
C CYS A 68 11.26 6.01 22.29
N GLY A 69 11.43 5.38 21.18
CA GLY A 69 12.64 5.60 20.43
C GLY A 69 12.91 4.44 19.51
N ALA A 70 13.99 4.55 18.73
CA ALA A 70 14.31 3.52 17.74
C ALA A 70 14.71 2.20 18.42
N SER A 71 15.27 2.26 19.62
CA SER A 71 15.58 1.01 20.36
C SER A 71 14.32 0.21 20.67
N GLU A 72 13.32 0.84 21.30
CA GLU A 72 12.07 0.16 21.53
C GLU A 72 11.42 -0.29 20.22
N SER A 73 11.48 0.58 19.21
CA SER A 73 10.94 0.25 17.88
C SER A 73 11.60 -0.98 17.26
N ASN A 74 12.94 -1.04 17.30
CA ASN A 74 13.65 -2.19 16.78
C ASN A 74 13.27 -3.47 17.52
N ASN A 75 13.13 -3.37 18.83
CA ASN A 75 12.74 -4.49 19.65
C ASN A 75 11.34 -5.00 19.28
N LEU A 76 10.40 -4.08 19.11
CA LEU A 76 9.02 -4.44 18.72
C LEU A 76 8.99 -5.12 17.36
N ALA A 77 9.66 -4.53 16.38
CA ALA A 77 9.72 -5.12 15.04
C ALA A 77 10.24 -6.56 15.05
N ILE A 78 11.31 -6.80 15.81
CA ILE A 78 11.99 -8.08 15.80
C ILE A 78 11.31 -9.12 16.69
N LYS A 79 11.13 -8.77 17.97
CA LYS A 79 10.50 -9.67 18.93
C LYS A 79 9.02 -9.87 18.64
N GLY A 80 8.40 -8.86 18.05
CA GLY A 80 6.98 -8.93 17.68
C GLY A 80 6.71 -10.07 16.72
N LEU A 81 7.68 -10.34 15.82
CA LEU A 81 7.54 -11.46 14.88
C LEU A 81 8.05 -12.74 15.51
N ALA A 82 9.18 -12.64 16.20
CA ALA A 82 9.81 -13.80 16.77
C ALA A 82 8.92 -14.44 17.79
N PHE A 83 8.24 -13.63 18.60
CA PHE A 83 7.53 -14.23 19.71
C PHE A 83 6.26 -14.94 19.24
N LYS A 84 5.95 -14.86 17.95
CA LYS A 84 4.92 -15.76 17.47
CA LYS A 84 4.96 -15.71 17.31
C LYS A 84 5.46 -17.12 17.00
N ARG A 85 6.76 -17.31 17.11
CA ARG A 85 7.46 -18.48 16.62
C ARG A 85 8.23 -19.23 17.71
N LEU A 86 7.80 -19.16 18.95
CA LEU A 86 8.66 -19.66 20.01
C LEU A 86 8.91 -21.16 19.89
N GLU A 87 7.98 -21.86 19.26
CA GLU A 87 8.11 -23.28 19.08
C GLU A 87 8.92 -23.69 17.85
N GLU A 88 8.56 -23.16 16.68
CA GLU A 88 9.23 -23.57 15.47
C GLU A 88 10.53 -22.80 15.21
N LYS A 89 10.71 -21.68 15.91
CA LYS A 89 11.91 -20.80 15.77
C LYS A 89 12.06 -20.24 14.34
N GLY A 90 13.28 -20.11 13.79
CA GLY A 90 13.43 -19.63 12.42
C GLY A 90 14.68 -18.79 12.32
N HIS A 91 14.86 -18.13 11.19
CA HIS A 91 16.07 -17.46 10.82
C HIS A 91 15.75 -16.03 10.55
N LEU A 92 16.69 -15.17 10.92
CA LEU A 92 16.59 -13.74 10.69
CA LEU A 92 16.61 -13.73 10.68
C LEU A 92 17.85 -13.31 9.93
N ILE A 93 17.73 -12.36 9.02
CA ILE A 93 18.91 -11.79 8.39
C ILE A 93 19.06 -10.35 8.85
N THR A 94 20.25 -10.01 9.34
CA THR A 94 20.60 -8.62 9.66
C THR A 94 22.06 -8.34 9.23
N SER A 95 22.61 -7.19 9.63
CA SER A 95 24.03 -6.93 9.38
C SER A 95 24.84 -6.92 10.67
N SER A 96 26.15 -7.14 10.54
CA SER A 96 27.05 -7.08 11.70
C SER A 96 27.36 -5.63 12.15
N ILE A 97 26.87 -4.63 11.43
CA ILE A 97 27.16 -3.24 11.78
C ILE A 97 25.92 -2.46 12.18
N GLU A 98 24.85 -3.18 12.48
CA GLU A 98 23.65 -2.56 13.07
C GLU A 98 23.97 -1.85 14.39
N HIS A 99 23.07 -0.96 14.83
CA HIS A 99 23.17 -0.39 16.17
C HIS A 99 23.14 -1.53 17.16
N LYS A 100 23.78 -1.34 18.31
CA LYS A 100 23.87 -2.44 19.27
C LYS A 100 22.51 -2.96 19.76
N CYS A 101 21.47 -2.12 19.75
CA CYS A 101 20.16 -2.61 20.16
C CYS A 101 19.68 -3.76 19.27
N VAL A 102 19.93 -3.66 17.96
CA VAL A 102 19.53 -4.72 17.04
C VAL A 102 20.41 -5.96 17.25
N LEU A 103 21.71 -5.74 17.39
CA LEU A 103 22.64 -6.86 17.61
C LEU A 103 22.28 -7.63 18.88
N ASN A 104 21.96 -6.88 19.93
CA ASN A 104 21.67 -7.49 21.22
C ASN A 104 20.30 -8.16 21.27
N THR A 105 19.30 -7.60 20.61
CA THR A 105 18.04 -8.35 20.52
C THR A 105 18.16 -9.63 19.70
N CYS A 106 18.92 -9.60 18.62
CA CYS A 106 19.16 -10.80 17.83
C CYS A 106 20.00 -11.84 18.61
N GLY A 107 20.94 -11.36 19.41
CA GLY A 107 21.73 -12.23 20.27
C GLY A 107 20.84 -12.98 21.26
N PHE A 108 19.87 -12.26 21.81
CA PHE A 108 18.90 -12.87 22.70
C PHE A 108 18.07 -13.95 21.99
N LEU A 109 17.58 -13.61 20.80
CA LEU A 109 16.86 -14.58 20.01
C LEU A 109 17.69 -15.85 19.78
N GLU A 110 18.98 -15.71 19.50
CA GLU A 110 19.86 -16.88 19.36
C GLU A 110 19.87 -17.71 20.63
N SER A 111 19.83 -17.03 21.77
CA SER A 111 19.92 -17.68 23.08
C SER A 111 18.67 -18.50 23.41
N ILE A 112 17.57 -18.22 22.71
CA ILE A 112 16.35 -19.00 22.88
C ILE A 112 16.06 -19.85 21.65
N GLY A 113 17.07 -20.05 20.82
CA GLY A 113 17.01 -21.05 19.75
C GLY A 113 16.82 -20.56 18.32
N PHE A 114 16.77 -19.25 18.12
CA PHE A 114 16.66 -18.67 16.77
C PHE A 114 18.02 -18.67 16.08
N ASP A 115 18.02 -18.75 14.75
CA ASP A 115 19.25 -18.59 13.95
C ASP A 115 19.32 -17.21 13.32
N VAL A 116 20.51 -16.60 13.33
CA VAL A 116 20.68 -15.26 12.77
C VAL A 116 21.94 -15.24 11.93
N THR A 117 21.88 -14.60 10.76
CA THR A 117 23.06 -14.31 9.93
C THR A 117 23.42 -12.83 10.06
N TYR A 118 24.60 -12.54 10.50
CA TYR A 118 24.97 -11.17 10.53
C TYR A 118 25.84 -10.91 9.31
N LEU A 119 25.25 -10.31 8.28
CA LEU A 119 25.98 -10.02 7.03
C LEU A 119 27.14 -9.04 7.27
N THR A 120 28.31 -9.36 6.71
CA THR A 120 29.50 -8.50 6.87
C THR A 120 29.61 -7.45 5.76
N PRO A 121 29.86 -6.20 6.09
CA PRO A 121 29.86 -5.12 5.10
C PRO A 121 31.03 -5.22 4.13
N LYS A 122 31.06 -4.41 3.09
CA LYS A 122 32.29 -4.27 2.34
C LYS A 122 33.11 -3.23 3.06
N ALA A 123 34.35 -3.01 2.62
CA ALA A 123 35.19 -1.99 3.24
C ALA A 123 34.52 -0.62 3.16
N SER A 124 33.62 -0.46 2.20
CA SER A 124 32.87 0.79 2.05
C SER A 124 31.81 0.99 3.14
N GLY A 125 31.49 -0.08 3.86
CA GLY A 125 30.40 -0.08 4.83
C GLY A 125 29.11 -0.62 4.26
N LEU A 126 29.11 -0.86 2.95
CA LEU A 126 27.92 -1.27 2.25
C LEU A 126 27.53 -2.72 2.48
N ILE A 127 26.22 -2.92 2.68
CA ILE A 127 25.58 -4.22 2.62
C ILE A 127 24.83 -4.30 1.29
N SER A 128 24.96 -5.42 0.60
CA SER A 128 24.32 -5.58 -0.71
C SER A 128 23.04 -6.39 -0.62
N ALA A 129 22.11 -6.11 -1.52
CA ALA A 129 20.89 -6.91 -1.66
C ALA A 129 21.21 -8.37 -2.05
N GLN A 130 22.28 -8.55 -2.83
CA GLN A 130 22.69 -9.87 -3.27
C GLN A 130 23.10 -10.74 -2.10
N GLN A 131 23.79 -10.14 -1.13
CA GLN A 131 24.12 -10.94 0.03
C GLN A 131 22.91 -11.31 0.86
N VAL A 132 21.92 -10.44 0.92
CA VAL A 132 20.66 -10.76 1.58
C VAL A 132 20.03 -11.96 0.86
N GLU A 133 19.99 -11.88 -0.45
CA GLU A 133 19.39 -12.92 -1.24
C GLU A 133 20.09 -14.24 -1.00
N GLU A 134 21.40 -14.24 -0.94
CA GLU A 134 22.12 -15.48 -0.72
C GLU A 134 21.97 -16.08 0.69
N ALA A 135 21.58 -15.25 1.66
CA ALA A 135 21.45 -15.71 3.04
C ALA A 135 20.07 -16.29 3.35
N ILE A 136 19.13 -16.11 2.43
CA ILE A 136 17.76 -16.55 2.65
C ILE A 136 17.64 -18.07 2.78
N ARG A 137 16.85 -18.48 3.77
CA ARG A 137 16.61 -19.88 4.06
C ARG A 137 15.10 -20.14 4.04
N PRO A 138 14.68 -21.40 3.94
CA PRO A 138 13.26 -21.74 3.97
C PRO A 138 12.51 -21.17 5.19
N ASN A 139 13.19 -21.06 6.33
CA ASN A 139 12.58 -20.52 7.55
C ASN A 139 13.01 -19.08 7.93
N THR A 140 13.50 -18.32 6.97
CA THR A 140 13.76 -16.89 7.18
C THR A 140 12.45 -16.13 7.31
N PHE A 141 12.30 -15.41 8.41
CA PHE A 141 11.03 -14.74 8.67
C PHE A 141 11.15 -13.24 8.88
N LEU A 142 12.37 -12.71 8.84
CA LEU A 142 12.61 -11.28 8.89
C LEU A 142 13.98 -10.94 8.32
N ILE A 143 14.00 -9.87 7.53
CA ILE A 143 15.21 -9.15 7.10
C ILE A 143 15.15 -7.74 7.73
N THR A 144 16.14 -7.44 8.59
CA THR A 144 16.31 -6.10 9.17
C THR A 144 17.65 -5.54 8.78
N ILE A 145 17.65 -4.44 8.04
CA ILE A 145 18.90 -3.79 7.68
C ILE A 145 18.71 -2.29 7.85
N HIS A 146 19.66 -1.62 8.50
CA HIS A 146 19.59 -0.19 8.79
C HIS A 146 19.69 0.59 7.49
N HIS A 147 19.08 1.77 7.47
CA HIS A 147 19.08 2.62 6.27
C HIS A 147 20.32 3.44 6.19
N VAL A 148 20.57 4.21 7.23
CA VAL A 148 21.82 4.96 7.32
C VAL A 148 22.58 4.54 8.58
N ASN A 149 23.86 4.20 8.42
CA ASN A 149 24.67 3.77 9.54
C ASN A 149 25.01 4.91 10.50
N ASN A 150 24.81 4.69 11.80
CA ASN A 150 25.05 5.77 12.75
C ASN A 150 26.50 6.15 12.97
N GLU A 151 27.43 5.23 12.74
CA GLU A 151 28.86 5.59 12.89
C GLU A 151 29.48 6.17 11.62
N LEU A 152 29.14 5.60 10.47
CA LEU A 152 29.83 5.93 9.21
C LEU A 152 29.06 6.88 8.31
N GLY A 153 27.74 6.86 8.45
CA GLY A 153 26.91 7.68 7.58
C GLY A 153 26.46 6.97 6.33
N THR A 154 26.88 5.70 6.19
CA THR A 154 26.67 4.91 4.98
C THR A 154 25.20 4.79 4.66
N VAL A 155 24.84 5.16 3.44
CA VAL A 155 23.48 4.98 2.96
C VAL A 155 23.37 3.60 2.31
N GLN A 156 22.59 2.73 2.95
CA GLN A 156 22.40 1.37 2.49
C GLN A 156 21.35 1.27 1.38
N PRO A 157 21.46 0.24 0.51
CA PRO A 157 20.54 0.13 -0.62
C PRO A 157 19.20 -0.51 -0.19
N ILE A 158 18.43 0.23 0.58
CA ILE A 158 17.21 -0.37 1.13
C ILE A 158 16.21 -0.74 0.05
N GLU A 159 16.18 0.03 -1.04
CA GLU A 159 15.22 -0.30 -2.08
C GLU A 159 15.52 -1.66 -2.72
N ASP A 160 16.79 -1.91 -3.00
CA ASP A 160 17.21 -3.18 -3.56
C ASP A 160 17.01 -4.34 -2.59
N ILE A 161 17.33 -4.09 -1.31
CA ILE A 161 17.11 -5.08 -0.26
C ILE A 161 15.59 -5.35 -0.10
N GLY A 162 14.79 -4.29 -0.13
CA GLY A 162 13.33 -4.43 -0.03
C GLY A 162 12.76 -5.22 -1.19
N ASN A 163 13.40 -5.09 -2.36
CA ASN A 163 13.00 -5.83 -3.55
C ASN A 163 13.22 -7.32 -3.37
N VAL A 164 14.38 -7.68 -2.84
CA VAL A 164 14.68 -9.06 -2.51
C VAL A 164 13.67 -9.61 -1.50
N ALA A 165 13.41 -8.87 -0.43
CA ALA A 165 12.44 -9.32 0.58
C ALA A 165 11.04 -9.48 -0.02
N PHE A 166 10.65 -8.57 -0.90
CA PHE A 166 9.37 -8.64 -1.59
C PHE A 166 9.27 -9.90 -2.46
N GLU A 167 10.37 -10.23 -3.14
CA GLU A 167 10.41 -11.37 -4.06
C GLU A 167 10.27 -12.71 -3.34
N HIS A 168 10.67 -12.72 -2.07
CA HIS A 168 10.47 -13.87 -1.22
C HIS A 168 9.34 -13.81 -0.21
N ASP A 169 8.55 -12.72 -0.17
CA ASP A 169 7.47 -12.61 0.85
C ASP A 169 7.97 -12.81 2.29
N ILE A 170 9.12 -12.21 2.50
CA ILE A 170 9.75 -12.04 3.83
C ILE A 170 9.62 -10.59 4.33
N PRO A 171 9.11 -10.41 5.56
CA PRO A 171 9.02 -9.07 6.14
C PRO A 171 10.38 -8.32 6.13
N PHE A 172 10.31 -7.06 5.73
CA PHE A 172 11.47 -6.18 5.67
C PHE A 172 11.32 -5.01 6.62
N HIS A 173 12.21 -4.96 7.60
CA HIS A 173 12.29 -3.85 8.53
C HIS A 173 13.56 -3.06 8.30
N THR A 174 13.48 -1.75 8.47
CA THR A 174 14.68 -0.92 8.42
C THR A 174 14.79 0.04 9.62
N ASP A 175 15.95 0.00 10.28
CA ASP A 175 16.28 1.00 11.28
C ASP A 175 16.64 2.31 10.59
N ALA A 176 15.70 3.25 10.60
CA ALA A 176 15.85 4.54 9.91
C ALA A 176 16.12 5.68 10.89
N ALA A 177 16.69 5.37 12.04
CA ALA A 177 16.92 6.42 13.03
C ALA A 177 17.78 7.54 12.49
N GLN A 178 18.74 7.20 11.62
CA GLN A 178 19.63 8.22 11.05
C GLN A 178 19.19 8.77 9.71
N SER A 179 18.16 8.17 9.11
CA SER A 179 17.74 8.60 7.78
C SER A 179 16.42 9.35 7.76
N PHE A 180 15.56 9.05 8.73
CA PHE A 180 14.26 9.70 8.84
C PHE A 180 14.42 11.22 8.79
N CYS A 181 13.64 11.86 7.91
CA CYS A 181 13.65 13.33 7.64
C CYS A 181 14.83 13.83 6.79
N LYS A 182 16.01 13.24 6.96
CA LYS A 182 17.18 13.56 6.12
C LYS A 182 17.02 13.12 4.67
N LEU A 183 16.49 11.90 4.50
CA LEU A 183 16.33 11.30 3.19
C LEU A 183 14.87 11.03 2.96
N ASP A 184 14.41 11.25 1.74
CA ASP A 184 13.00 11.02 1.46
CA ASP A 184 12.99 10.97 1.43
C ASP A 184 12.66 9.52 1.50
N ILE A 185 11.68 9.12 2.28
CA ILE A 185 11.38 7.70 2.44
C ILE A 185 9.91 7.53 2.08
N ASP A 186 9.64 6.67 1.09
CA ASP A 186 8.26 6.25 0.79
C ASP A 186 8.16 4.75 1.00
N VAL A 187 7.33 4.41 1.96
CA VAL A 187 7.20 3.07 2.43
C VAL A 187 6.75 2.07 1.34
N ASP A 188 5.92 2.53 0.41
CA ASP A 188 5.49 1.65 -0.68
C ASP A 188 6.55 1.50 -1.77
N ASP A 189 7.21 2.61 -2.11
CA ASP A 189 8.27 2.62 -3.11
C ASP A 189 9.43 1.75 -2.68
N MET A 190 9.70 1.71 -1.38
CA MET A 190 10.83 0.93 -0.90
CA MET A 190 10.81 0.93 -0.83
C MET A 190 10.46 -0.47 -0.38
N ASN A 191 9.20 -0.84 -0.58
CA ASN A 191 8.63 -2.07 -0.08
C ASN A 191 8.92 -2.40 1.38
N ILE A 192 8.80 -1.37 2.21
CA ILE A 192 9.03 -1.50 3.64
C ILE A 192 7.78 -2.01 4.37
N ASP A 193 7.99 -2.97 5.24
CA ASP A 193 6.94 -3.48 6.13
C ASP A 193 6.98 -2.81 7.50
N MET A 194 8.17 -2.61 8.05
CA MET A 194 8.32 -1.88 9.30
C MET A 194 9.53 -0.98 9.27
N LEU A 195 9.42 0.15 9.95
CA LEU A 195 10.49 1.16 9.99
C LEU A 195 10.60 1.84 11.35
N SER A 196 11.82 1.87 11.90
CA SER A 196 12.05 2.53 13.18
C SER A 196 12.57 3.94 13.03
N LEU A 197 12.09 4.83 13.89
CA LEU A 197 12.62 6.19 13.94
C LEU A 197 12.74 6.69 15.40
N SER A 198 13.57 7.71 15.59
CA SER A 198 13.90 8.27 16.92
C SER A 198 13.74 9.79 16.94
N GLY A 199 12.95 10.32 17.89
CA GLY A 199 12.69 11.77 17.97
C GLY A 199 13.92 12.64 18.20
N HIS A 200 14.83 12.19 19.05
CA HIS A 200 15.93 13.06 19.43
C HIS A 200 17.04 13.07 18.41
N LYS A 201 16.85 12.38 17.28
CA LYS A 201 17.80 12.44 16.17
C LYS A 201 17.38 13.50 15.12
N VAL A 202 16.17 14.05 15.28
CA VAL A 202 15.59 15.01 14.32
C VAL A 202 15.14 16.31 14.99
N TYR A 203 15.87 16.68 16.06
CA TYR A 203 15.62 17.91 16.84
C TYR A 203 14.31 17.82 17.63
N GLY A 204 13.86 16.59 17.85
CA GLY A 204 12.73 16.30 18.73
C GLY A 204 13.15 16.01 20.15
N PRO A 205 12.18 15.84 21.06
CA PRO A 205 12.56 15.52 22.42
C PRO A 205 13.03 14.09 22.56
N LYS A 206 13.81 13.86 23.62
CA LYS A 206 14.15 12.51 24.04
C LYS A 206 12.93 11.81 24.64
N GLY A 207 12.95 10.48 24.57
CA GLY A 207 11.87 9.64 25.10
C GLY A 207 10.72 9.39 24.15
N ILE A 208 10.88 9.71 22.86
CA ILE A 208 9.83 9.39 21.89
C ILE A 208 10.39 8.88 20.58
N GLY A 209 9.71 7.95 19.94
CA GLY A 209 10.04 7.60 18.57
C GLY A 209 8.81 6.94 17.99
N ALA A 210 8.99 6.19 16.91
CA ALA A 210 7.88 5.47 16.31
C ALA A 210 8.31 4.23 15.56
N LEU A 211 7.36 3.33 15.33
CA LEU A 211 7.55 2.20 14.44
C LEU A 211 6.41 2.25 13.42
N TYR A 212 6.76 2.44 12.15
CA TYR A 212 5.83 2.18 11.05
C TYR A 212 5.56 0.68 10.96
N VAL A 213 4.28 0.30 10.92
CA VAL A 213 3.90 -1.10 10.75
C VAL A 213 2.84 -1.14 9.67
N ARG A 214 3.22 -1.69 8.52
CA ARG A 214 2.26 -1.83 7.43
C ARG A 214 1.05 -2.62 7.92
N ASP A 215 -0.15 -2.09 7.62
CA ASP A 215 -1.40 -2.76 7.95
C ASP A 215 -1.48 -3.03 9.46
N ALA A 216 -1.06 -2.04 10.26
CA ALA A 216 -1.04 -2.20 11.71
C ALA A 216 -2.38 -2.70 12.29
N ARG A 217 -3.48 -2.27 11.69
CA ARG A 217 -4.79 -2.62 12.22
CA ARG A 217 -4.82 -2.60 12.17
C ARG A 217 -4.98 -4.12 12.22
N ASN A 218 -4.39 -4.83 11.26
CA ASN A 218 -4.56 -6.28 11.15
C ASN A 218 -3.27 -7.03 11.50
N SER A 219 -2.32 -6.32 12.08
CA SER A 219 -1.02 -6.90 12.42
C SER A 219 -1.12 -7.95 13.51
N GLU A 220 -0.43 -9.06 13.31
CA GLU A 220 -0.36 -10.09 14.33
C GLU A 220 0.90 -9.98 15.18
N LEU A 221 1.58 -8.83 15.11
CA LEU A 221 2.78 -8.62 15.91
C LEU A 221 2.45 -8.81 17.36
N VAL A 222 3.32 -9.48 18.10
CA VAL A 222 3.16 -9.61 19.55
C VAL A 222 3.63 -8.29 20.20
N PRO A 223 2.74 -7.61 20.93
CA PRO A 223 3.10 -6.37 21.62
C PRO A 223 4.30 -6.58 22.55
N LEU A 224 5.23 -5.64 22.53
CA LEU A 224 6.37 -5.63 23.45
C LEU A 224 5.87 -5.14 24.81
N ILE A 225 5.12 -4.05 24.81
CA ILE A 225 4.46 -3.56 26.02
C ILE A 225 2.96 -3.80 25.88
N HIS A 226 2.44 -4.77 26.62
CA HIS A 226 0.99 -4.95 26.70
C HIS A 226 0.41 -3.88 27.57
N GLY A 227 -0.73 -3.33 27.19
CA GLY A 227 -1.25 -2.21 27.96
C GLY A 227 -2.75 -2.16 27.92
N GLY A 228 -3.28 -0.94 28.01
CA GLY A 228 -4.71 -0.69 28.06
C GLY A 228 -5.44 -0.54 26.74
N GLY A 229 -4.73 -0.66 25.62
CA GLY A 229 -5.32 -0.57 24.28
C GLY A 229 -4.70 0.49 23.40
N GLN A 230 -3.76 1.25 23.96
CA GLN A 230 -3.05 2.27 23.19
C GLN A 230 -2.38 1.68 21.96
N GLU A 231 -2.30 2.51 20.93
CA GLU A 231 -1.59 2.18 19.67
C GLU A 231 -2.14 0.92 19.03
N LEU A 232 -3.48 0.85 18.96
CA LEU A 232 -4.18 -0.29 18.33
C LEU A 232 -3.91 -1.59 19.06
N GLY A 233 -3.54 -1.47 20.33
CA GLY A 233 -3.23 -2.63 21.16
C GLY A 233 -1.80 -3.12 20.95
N LEU A 234 -1.05 -2.45 20.08
CA LEU A 234 0.33 -2.88 19.77
C LEU A 234 1.41 -2.35 20.74
N ARG A 235 1.11 -1.25 21.43
CA ARG A 235 2.10 -0.59 22.30
C ARG A 235 1.43 0.13 23.46
N GLY A 236 1.53 -0.49 24.65
CA GLY A 236 0.89 0.03 25.85
C GLY A 236 1.63 1.15 26.56
N GLY A 237 0.98 1.72 27.57
CA GLY A 237 1.51 2.87 28.31
C GLY A 237 0.76 4.13 27.95
N THR A 238 0.52 5.01 28.92
CA THR A 238 -0.22 6.22 28.55
C THR A 238 0.53 7.11 27.57
N SER A 239 -0.22 7.52 26.55
CA SER A 239 0.33 8.31 25.46
C SER A 239 0.93 9.59 26.02
N PRO A 240 2.23 9.81 25.79
CA PRO A 240 2.84 11.02 26.36
C PRO A 240 2.65 12.25 25.48
N THR A 241 1.53 12.94 25.66
CA THR A 241 1.11 13.91 24.66
C THR A 241 2.14 14.98 24.35
N PRO A 242 2.82 15.53 25.37
CA PRO A 242 3.83 16.54 25.02
C PRO A 242 4.92 16.02 24.07
N LEU A 243 5.42 14.81 24.35
CA LEU A 243 6.46 14.18 23.50
C LEU A 243 5.99 13.88 22.08
N ILE A 244 4.75 13.41 21.98
CA ILE A 244 4.15 13.12 20.68
C ILE A 244 3.97 14.42 19.86
N VAL A 245 3.37 15.43 20.48
CA VAL A 245 3.21 16.75 19.86
C VAL A 245 4.56 17.31 19.40
N GLY A 246 5.57 17.24 20.25
CA GLY A 246 6.88 17.77 19.93
C GLY A 246 7.49 17.05 18.75
N LEU A 247 7.27 15.74 18.67
CA LEU A 247 7.81 14.96 17.56
C LEU A 247 7.19 15.41 16.23
N GLY A 248 5.88 15.64 16.24
CA GLY A 248 5.23 16.15 15.03
C GLY A 248 5.81 17.48 14.56
N VAL A 249 6.07 18.36 15.52
CA VAL A 249 6.56 19.70 15.22
C VAL A 249 7.98 19.62 14.65
N ALA A 250 8.77 18.69 15.21
CA ALA A 250 10.14 18.47 14.74
C ALA A 250 10.16 18.04 13.28
N VAL A 251 9.28 17.09 12.94
CA VAL A 251 9.19 16.55 11.58
C VAL A 251 8.74 17.67 10.64
N GLU A 252 7.74 18.42 11.07
CA GLU A 252 7.19 19.46 10.22
C GLU A 252 8.18 20.55 9.88
N HIS A 253 9.01 20.93 10.84
CA HIS A 253 9.96 22.03 10.66
C HIS A 253 11.41 21.59 10.51
N PHE A 254 11.62 20.38 9.99
CA PHE A 254 12.96 19.80 9.88
C PHE A 254 13.79 20.65 8.92
N PRO A 255 15.04 20.94 9.25
CA PRO A 255 15.78 21.92 8.49
C PRO A 255 15.97 21.51 7.05
N SER A 256 15.86 22.51 6.19
CA SER A 256 15.90 22.31 4.78
C SER A 256 17.26 22.61 4.21
N GLU A 257 18.16 23.23 4.94
CA GLU A 257 19.44 23.63 4.29
C GLU A 257 20.62 23.30 5.14
N ALA A 258 21.85 23.13 4.61
CA ALA A 258 22.88 22.70 5.53
C ALA A 258 23.26 23.77 6.53
N SER A 259 23.92 23.40 7.62
CA SER A 259 23.59 22.48 8.75
C SER A 259 24.09 23.55 9.59
N ALA A 260 23.31 24.59 9.48
CA ALA A 260 23.70 25.93 9.07
C ALA A 260 25.14 26.05 8.68
N GLN A 261 25.61 27.14 9.24
CA GLN A 261 26.91 27.64 9.11
C GLN A 261 27.85 26.62 9.71
N GLN A 262 27.42 25.83 10.67
CA GLN A 262 28.38 24.96 11.34
C GLN A 262 29.04 24.03 10.33
N THR A 263 28.29 23.56 9.36
CA THR A 263 28.79 22.48 8.56
C THR A 263 29.96 23.01 7.70
N GLU A 264 30.42 24.19 8.06
CA GLU A 264 31.71 24.68 7.52
C GLU A 264 32.70 25.05 8.65
N PHE A 265 33.28 24.12 9.40
CA PHE A 265 33.52 22.65 9.24
C PHE A 265 34.20 22.11 8.02
N GLU A 266 33.55 22.30 6.89
CA GLU A 266 34.09 21.79 5.67
C GLU A 266 35.39 22.51 5.31
N LYS A 267 35.58 23.75 5.78
CA LYS A 267 36.81 24.51 5.55
C LYS A 267 37.88 24.27 6.65
N ILE A 268 37.46 23.69 7.76
CA ILE A 268 38.41 23.35 8.84
C ILE A 268 39.11 21.99 8.58
N ILE A 269 38.29 21.00 8.25
CA ILE A 269 38.68 19.60 8.32
C ILE A 269 39.85 19.28 7.38
N ASN A 270 39.94 20.04 6.29
CA ASN A 270 40.96 19.87 5.27
C ASN A 270 42.34 20.41 5.66
N GLU A 271 42.39 21.18 6.74
CA GLU A 271 43.68 21.54 7.33
C GLU A 271 44.33 20.32 8.01
N TYR A 272 43.63 19.19 7.96
CA TYR A 272 44.13 17.98 8.58
C TYR A 272 44.26 16.82 7.58
N SER A 273 45.11 15.85 7.88
CA SER A 273 45.34 14.70 7.01
CA SER A 273 45.36 14.73 7.02
C SER A 273 44.62 13.49 7.49
N PHE A 274 43.70 13.05 6.66
CA PHE A 274 42.78 11.98 7.03
C PHE A 274 42.24 11.19 5.83
N SER A 275 41.66 10.04 6.13
CA SER A 275 40.90 9.22 5.17
C SER A 275 39.46 9.12 5.68
N ARG A 276 38.48 9.38 4.82
CA ARG A 276 37.11 9.29 5.26
C ARG A 276 36.56 7.90 4.99
N ASN A 277 36.12 7.24 6.05
CA ASN A 277 35.48 5.94 5.94
C ASN A 277 34.08 6.04 5.37
N SER A 278 33.75 5.11 4.47
CA SER A 278 32.52 5.19 3.67
C SER A 278 32.44 6.52 2.90
N GLY A 279 33.60 7.03 2.48
CA GLY A 279 33.66 8.38 1.87
C GLY A 279 32.86 8.67 0.60
N ASP A 280 32.56 7.62 -0.17
CA ASP A 280 31.74 7.76 -1.37
C ASP A 280 30.28 7.38 -1.14
N ASN A 281 29.96 6.95 0.08
CA ASN A 281 28.65 6.35 0.36
C ASN A 281 27.98 6.94 1.60
N ALA A 282 28.66 7.90 2.22
CA ALA A 282 28.17 8.53 3.45
C ALA A 282 27.43 9.85 3.20
N LEU A 283 26.42 10.09 4.03
CA LEU A 283 25.75 11.40 4.12
C LEU A 283 26.72 12.52 4.45
N SER A 284 26.41 13.73 3.94
CA SER A 284 27.27 14.91 4.10
C SER A 284 27.41 15.35 5.55
N THR A 285 26.52 14.86 6.41
CA THR A 285 26.50 15.28 7.80
C THR A 285 27.18 14.32 8.78
N THR A 286 27.60 13.15 8.32
CA THR A 286 28.54 12.37 9.15
C THR A 286 29.86 12.02 8.50
N TRP A 287 30.93 12.48 9.13
CA TRP A 287 32.28 12.31 8.64
C TRP A 287 32.99 11.40 9.60
N ASN A 288 33.07 10.11 9.26
CA ASN A 288 33.84 9.15 10.04
C ASN A 288 35.21 9.11 9.39
N VAL A 289 36.19 9.64 10.10
CA VAL A 289 37.52 9.87 9.53
C VAL A 289 38.66 9.23 10.33
N THR A 290 39.58 8.63 9.59
CA THR A 290 40.78 8.04 10.19
C THR A 290 41.95 8.96 9.87
N PHE A 291 42.49 9.61 10.89
CA PHE A 291 43.68 10.43 10.67
C PHE A 291 44.88 9.52 10.43
N GLU A 292 45.82 10.16 9.74
CA GLU A 292 46.99 9.56 9.14
C GLU A 292 47.89 8.91 10.14
N ASN A 293 48.11 9.54 11.28
CA ASN A 293 49.01 8.88 12.24
C ASN A 293 48.72 9.37 13.65
N ASP A 294 49.33 8.89 14.74
CA ASP A 294 48.93 9.40 16.04
C ASP A 294 49.30 10.86 16.25
N ASP A 295 50.28 11.37 15.51
CA ASP A 295 50.72 12.77 15.66
C ASP A 295 49.67 13.73 15.11
N GLU A 296 49.03 13.33 14.01
CA GLU A 296 47.97 14.12 13.40
C GLU A 296 46.74 14.16 14.32
N VAL A 297 46.45 13.04 14.97
CA VAL A 297 45.36 12.98 15.93
C VAL A 297 45.59 13.98 17.06
N LYS A 298 46.83 14.02 17.56
CA LYS A 298 47.19 14.88 18.68
C LYS A 298 47.04 16.35 18.32
N ARG A 299 47.45 16.70 17.11
CA ARG A 299 47.30 18.04 16.55
C ARG A 299 45.83 18.41 16.48
N PHE A 300 45.01 17.54 15.87
CA PHE A 300 43.58 17.78 15.71
C PHE A 300 42.87 17.99 17.03
N THR A 301 43.14 17.14 18.02
CA THR A 301 42.41 17.21 19.28
C THR A 301 42.85 18.38 20.16
N SER A 302 44.12 18.74 20.10
CA SER A 302 44.61 19.89 20.85
C SER A 302 44.15 21.22 20.26
N GLU A 303 44.04 21.29 18.93
CA GLU A 303 43.61 22.52 18.28
C GLU A 303 42.10 22.70 18.31
N ARG A 304 41.36 21.60 18.30
CA ARG A 304 39.90 21.64 18.22
C ARG A 304 39.27 20.97 19.42
N ASN A 305 38.58 21.75 20.23
CA ASN A 305 37.96 21.18 21.38
C ASN A 305 36.55 20.69 21.03
N TRP A 306 36.42 19.80 20.06
CA TRP A 306 35.10 19.31 19.64
C TRP A 306 34.60 18.13 20.41
N LEU A 307 33.30 18.12 20.69
CA LEU A 307 32.70 16.93 21.29
C LEU A 307 32.27 16.04 20.15
N ILE A 308 32.93 14.90 20.10
CA ILE A 308 32.78 13.94 19.00
C ILE A 308 32.69 12.53 19.56
N SER A 309 32.85 11.54 18.70
CA SER A 309 32.59 10.17 19.15
C SER A 309 33.57 9.16 18.60
N GLN A 310 33.88 8.09 19.30
CA GLN A 310 34.77 7.09 18.68
C GLN A 310 34.14 5.75 18.44
N GLY A 311 33.09 5.41 19.15
CA GLY A 311 32.47 4.16 18.84
C GLY A 311 31.44 4.01 19.90
N SER A 312 30.79 2.84 19.95
CA SER A 312 29.72 2.53 20.90
C SER A 312 30.21 2.50 22.33
N ALA A 313 29.24 2.68 23.25
CA ALA A 313 29.48 2.59 24.71
C ALA A 313 29.95 1.22 25.18
N SER A 314 29.42 0.17 24.56
CA SER A 314 29.88 -1.14 24.93
C SER A 314 31.30 -1.37 24.50
N ASN A 315 31.69 -0.89 23.33
CA ASN A 315 33.08 -0.97 22.97
C ASN A 315 33.95 -0.14 23.90
N ALA A 316 33.46 1.00 24.37
CA ALA A 316 34.28 1.72 25.31
C ALA A 316 34.49 0.90 26.58
N MET A 317 33.43 0.24 27.05
CA MET A 317 33.49 -0.55 28.24
C MET A 317 34.35 -1.78 28.14
N SER A 318 34.39 -2.38 26.97
CA SER A 318 35.24 -3.54 26.75
C SER A 318 36.65 -3.14 26.31
N ASN A 319 36.91 -1.84 26.20
CA ASN A 319 38.21 -1.35 25.76
C ASN A 319 38.59 -1.96 24.41
N THR A 320 37.65 -1.92 23.47
CA THR A 320 37.85 -2.44 22.12
C THR A 320 37.38 -1.43 21.07
N PRO A 321 37.89 -1.57 19.85
CA PRO A 321 37.52 -0.64 18.80
C PRO A 321 36.03 -0.78 18.51
N SER A 322 35.46 0.21 17.83
CA SER A 322 34.11 0.16 17.31
C SER A 322 33.84 -1.14 16.58
N HIS A 323 32.69 -1.74 16.84
CA HIS A 323 32.36 -2.95 16.11
C HIS A 323 32.21 -2.63 14.67
N VAL A 324 31.79 -1.40 14.37
CA VAL A 324 31.55 -1.00 12.99
C VAL A 324 32.89 -0.90 12.28
N LEU A 325 33.83 -0.19 12.91
CA LEU A 325 35.15 -0.02 12.31
C LEU A 325 35.86 -1.35 12.06
N THR A 326 35.78 -2.30 13.00
CA THR A 326 36.48 -3.56 12.77
C THR A 326 35.79 -4.41 11.70
N ALA A 327 34.46 -4.32 11.61
CA ALA A 327 33.70 -5.03 10.59
C ALA A 327 34.09 -4.58 9.18
N ILE A 328 34.38 -3.28 9.04
CA ILE A 328 34.76 -2.73 7.73
C ILE A 328 36.22 -2.99 7.41
N GLY A 329 36.93 -3.51 8.39
CA GLY A 329 38.28 -3.99 8.14
C GLY A 329 39.42 -3.11 8.61
N LEU A 330 39.12 -2.12 9.46
CA LEU A 330 40.17 -1.29 10.04
C LEU A 330 40.90 -2.05 11.12
N SER A 331 42.20 -1.80 11.25
CA SER A 331 43.00 -2.41 12.30
C SER A 331 42.69 -1.65 13.57
N GLU A 332 43.11 -2.22 14.69
CA GLU A 332 42.91 -1.61 15.99
C GLU A 332 43.66 -0.28 16.05
N ALA A 333 44.86 -0.26 15.49
CA ALA A 333 45.62 0.99 15.45
C ALA A 333 44.92 2.05 14.62
N GLU A 334 44.36 1.65 13.48
CA GLU A 334 43.59 2.57 12.69
C GLU A 334 42.36 3.03 13.47
N ALA A 335 41.69 2.11 14.13
CA ALA A 335 40.50 2.46 14.89
C ALA A 335 40.83 3.51 15.94
N ARG A 336 42.02 3.43 16.53
CA ARG A 336 42.44 4.40 17.53
C ARG A 336 42.46 5.82 16.99
N ARG A 337 42.77 5.98 15.71
CA ARG A 337 42.84 7.29 15.11
C ARG A 337 41.54 7.68 14.43
N THR A 338 40.45 6.98 14.71
CA THR A 338 39.24 7.21 13.95
C THR A 338 38.15 7.85 14.79
N TYR A 339 37.54 8.90 14.24
CA TYR A 339 36.52 9.70 14.93
C TYR A 339 35.31 9.94 14.04
N ARG A 340 34.13 9.86 14.64
CA ARG A 340 32.93 10.30 13.98
C ARG A 340 32.66 11.76 14.35
N ILE A 341 32.75 12.63 13.34
CA ILE A 341 32.42 14.03 13.48
C ILE A 341 31.09 14.21 12.75
N SER A 342 30.04 14.58 13.47
CA SER A 342 28.72 14.71 12.86
C SER A 342 28.11 16.11 12.99
N LEU A 343 27.25 16.46 12.05
CA LEU A 343 26.81 17.84 11.84
C LEU A 343 25.30 17.99 11.93
N PRO A 344 24.80 19.22 12.07
CA PRO A 344 23.35 19.37 12.19
C PRO A 344 22.63 18.78 10.99
N PRO A 345 21.70 17.83 11.24
CA PRO A 345 20.98 17.16 10.18
C PRO A 345 20.10 18.12 9.41
N TYR A 346 19.88 17.85 8.15
CA TYR A 346 18.98 18.68 7.37
C TYR A 346 18.51 17.85 6.21
N LYS A 347 17.52 18.33 5.48
CA LYS A 347 17.03 17.57 4.37
C LYS A 347 17.90 17.72 3.18
N VAL A 348 18.67 16.65 2.94
CA VAL A 348 19.22 16.35 1.62
C VAL A 348 20.71 16.20 1.61
N THR B 2 -0.50 16.78 -14.87
CA THR B 2 -1.18 15.49 -15.07
C THR B 2 -0.22 14.44 -14.57
N LYS B 3 -0.24 13.28 -15.21
CA LYS B 3 -1.27 13.01 -16.21
C LYS B 3 -1.99 11.77 -15.77
N TYR B 4 -3.30 11.79 -15.83
CA TYR B 4 -4.09 10.70 -15.29
C TYR B 4 -4.19 9.58 -16.30
N PHE B 5 -3.70 8.41 -15.94
CA PHE B 5 -3.75 7.32 -16.86
C PHE B 5 -4.32 6.15 -16.08
N ASP B 6 -5.36 6.41 -15.28
CA ASP B 6 -5.85 5.37 -14.40
C ASP B 6 -7.36 5.22 -14.57
N TYR B 7 -7.81 5.22 -15.81
CA TYR B 7 -9.23 5.13 -16.09
C TYR B 7 -9.88 3.77 -15.79
N ALA B 8 -9.15 2.65 -15.70
CA ALA B 8 -9.76 1.39 -15.33
C ALA B 8 -10.20 1.45 -13.88
N ALA B 9 -9.64 2.37 -13.10
CA ALA B 9 -10.01 2.57 -11.69
C ALA B 9 -11.18 3.55 -11.48
N SER B 10 -11.18 4.67 -12.18
CA SER B 10 -12.34 5.53 -12.25
C SER B 10 -12.22 6.48 -13.41
N THR B 11 -13.37 7.01 -13.83
CA THR B 11 -13.46 7.95 -14.95
C THR B 11 -14.12 9.24 -14.51
N PRO B 12 -13.89 10.31 -15.27
CA PRO B 12 -14.52 11.60 -14.96
C PRO B 12 -15.96 11.65 -15.42
N VAL B 13 -16.84 12.28 -14.65
CA VAL B 13 -18.22 12.45 -15.10
C VAL B 13 -18.26 13.37 -16.33
N ALA B 14 -18.99 12.94 -17.35
CA ALA B 14 -19.14 13.73 -18.58
C ALA B 14 -19.96 15.00 -18.32
N LYS B 15 -19.71 16.03 -19.11
CA LYS B 15 -20.33 17.34 -18.82
C LYS B 15 -21.86 17.35 -18.88
N GLY B 16 -22.34 16.59 -19.86
CA GLY B 16 -23.78 16.28 -20.00
C GLY B 16 -24.40 15.43 -18.88
N VAL B 17 -23.61 14.52 -18.32
CA VAL B 17 -24.04 13.74 -17.15
C VAL B 17 -24.23 14.64 -15.93
N LEU B 18 -23.24 15.47 -15.60
CA LEU B 18 -23.37 16.40 -14.47
C LEU B 18 -24.61 17.32 -14.58
N GLU B 19 -24.81 17.82 -15.77
CA GLU B 19 -25.94 18.70 -16.08
C GLU B 19 -27.27 18.08 -16.00
N SER B 20 -27.33 16.86 -16.45
CA SER B 20 -28.56 16.04 -16.28
C SER B 20 -28.92 15.72 -14.81
N MET B 21 -27.96 15.63 -13.90
CA MET B 21 -28.18 15.37 -12.48
C MET B 21 -28.72 16.59 -11.76
N LYS B 22 -28.49 17.76 -12.33
CA LYS B 22 -28.69 19.03 -11.63
C LYS B 22 -30.11 19.30 -11.16
N PRO B 23 -31.10 19.09 -12.02
CA PRO B 23 -32.46 19.43 -11.60
C PRO B 23 -33.01 18.54 -10.49
N TRP B 24 -32.33 17.43 -10.20
CA TRP B 24 -32.80 16.46 -9.22
C TRP B 24 -32.14 16.58 -7.89
N GLN B 25 -31.37 17.63 -7.72
CA GLN B 25 -30.68 17.90 -6.46
C GLN B 25 -31.52 18.75 -5.54
N SER B 26 -31.89 19.92 -6.02
CA SER B 26 -32.63 20.88 -5.21
CA SER B 26 -32.70 20.76 -5.18
C SER B 26 -33.98 21.26 -5.82
N ASP B 27 -34.08 21.25 -7.15
CA ASP B 27 -35.32 21.69 -7.85
C ASP B 27 -36.48 20.71 -7.68
N SER B 28 -36.22 19.42 -7.92
CA SER B 28 -37.21 18.36 -7.75
C SER B 28 -36.55 17.22 -7.01
N PHE B 29 -36.89 16.99 -5.75
CA PHE B 29 -36.02 16.16 -4.94
C PHE B 29 -36.82 15.11 -4.18
N ALA B 30 -38.01 14.78 -4.67
CA ALA B 30 -38.88 13.85 -3.92
C ALA B 30 -38.29 12.45 -3.75
N ASN B 31 -38.75 11.72 -2.73
CA ASN B 31 -38.45 10.30 -2.65
C ASN B 31 -39.30 9.61 -3.71
N PRO B 32 -38.71 8.84 -4.63
CA PRO B 32 -39.49 8.30 -5.72
C PRO B 32 -40.54 7.30 -5.27
N SER B 33 -40.48 6.84 -4.02
CA SER B 33 -41.54 5.95 -3.54
C SER B 33 -42.84 6.66 -3.14
N ALA B 34 -42.87 8.00 -3.15
CA ALA B 34 -43.94 8.79 -2.59
C ALA B 34 -45.11 8.75 -3.54
N ALA B 35 -46.27 9.11 -3.04
CA ALA B 35 -47.49 8.95 -3.83
C ALA B 35 -47.88 10.13 -4.72
N HIS B 36 -47.08 11.18 -4.72
CA HIS B 36 -47.45 12.46 -5.34
C HIS B 36 -46.67 12.80 -6.57
N ILE B 37 -47.00 13.92 -7.17
CA ILE B 37 -46.50 14.28 -8.48
C ILE B 37 -44.98 14.43 -8.57
N GLU B 38 -44.32 14.90 -7.52
CA GLU B 38 -42.87 15.06 -7.58
C GLU B 38 -42.19 13.70 -7.66
N ALA B 39 -42.75 12.69 -6.96
CA ALA B 39 -42.23 11.32 -7.06
C ALA B 39 -42.49 10.79 -8.47
N GLU B 40 -43.64 11.11 -9.03
CA GLU B 40 -43.96 10.69 -10.37
C GLU B 40 -42.96 11.24 -11.41
N LYS B 41 -42.56 12.51 -11.28
CA LYS B 41 -41.54 13.08 -12.17
C LYS B 41 -40.21 12.34 -12.06
N ALA B 42 -39.74 12.13 -10.84
CA ALA B 42 -38.52 11.35 -10.61
C ALA B 42 -38.62 9.95 -11.22
N LEU B 43 -39.76 9.30 -11.00
CA LEU B 43 -40.01 7.94 -11.49
C LEU B 43 -39.98 7.86 -13.01
N ASN B 44 -40.48 8.88 -13.70
CA ASN B 44 -40.39 8.95 -15.15
C ASN B 44 -38.95 9.09 -15.65
N ALA B 45 -38.15 9.88 -14.93
CA ALA B 45 -36.75 10.07 -15.28
C ALA B 45 -35.96 8.80 -15.02
N ILE B 46 -36.30 8.10 -13.94
CA ILE B 46 -35.67 6.83 -13.59
C ILE B 46 -35.99 5.79 -14.66
N LYS B 47 -37.25 5.75 -15.06
CA LYS B 47 -37.70 4.88 -16.12
C LYS B 47 -36.92 5.06 -17.41
N GLN B 48 -36.64 6.31 -17.79
CA GLN B 48 -35.89 6.57 -19.02
C GLN B 48 -34.49 5.93 -18.94
N ALA B 49 -33.83 6.11 -17.80
CA ALA B 49 -32.48 5.60 -17.60
C ALA B 49 -32.46 4.07 -17.59
N ARG B 50 -33.41 3.49 -16.87
CA ARG B 50 -33.58 2.05 -16.83
C ARG B 50 -33.74 1.48 -18.25
N GLU B 51 -34.55 2.16 -19.06
CA GLU B 51 -34.77 1.73 -20.45
C GLU B 51 -33.53 1.83 -21.30
N ILE B 52 -32.78 2.91 -21.15
CA ILE B 52 -31.51 3.07 -21.86
C ILE B 52 -30.57 1.91 -21.55
N ILE B 53 -30.42 1.56 -20.27
CA ILE B 53 -29.54 0.46 -19.83
C ILE B 53 -30.04 -0.88 -20.36
N ALA B 54 -31.33 -1.13 -20.18
CA ALA B 54 -31.93 -2.37 -20.68
C ALA B 54 -31.67 -2.53 -22.18
N ASP B 55 -31.97 -1.47 -22.92
CA ASP B 55 -31.80 -1.52 -24.36
CA ASP B 55 -31.78 -1.51 -24.39
C ASP B 55 -30.34 -1.80 -24.79
N THR B 56 -29.38 -1.21 -24.10
CA THR B 56 -28.02 -1.51 -24.48
C THR B 56 -27.61 -2.98 -24.23
N LEU B 57 -28.24 -3.64 -23.27
CA LEU B 57 -27.93 -5.06 -22.96
C LEU B 57 -28.83 -6.08 -23.64
N GLY B 58 -29.83 -5.59 -24.39
CA GLY B 58 -30.83 -6.46 -24.97
C GLY B 58 -31.71 -7.11 -23.89
N ALA B 59 -31.90 -6.40 -22.79
CA ALA B 59 -32.76 -6.83 -21.69
C ALA B 59 -34.07 -6.06 -21.67
N MET B 60 -34.99 -6.51 -20.82
CA MET B 60 -36.22 -5.79 -20.52
C MET B 60 -35.98 -4.83 -19.35
N PRO B 61 -36.62 -3.65 -19.34
CA PRO B 61 -36.37 -2.68 -18.26
C PRO B 61 -36.49 -3.25 -16.85
N SER B 62 -37.51 -4.08 -16.61
CA SER B 62 -37.73 -4.65 -15.30
C SER B 62 -36.59 -5.57 -14.83
N GLU B 63 -35.78 -6.05 -15.76
CA GLU B 63 -34.63 -6.91 -15.46
C GLU B 63 -33.37 -6.13 -15.02
N ILE B 64 -33.45 -4.80 -15.01
CA ILE B 64 -32.36 -3.94 -14.49
C ILE B 64 -32.63 -3.55 -13.04
N VAL B 65 -31.76 -4.03 -12.14
CA VAL B 65 -31.84 -3.72 -10.70
C VAL B 65 -30.75 -2.69 -10.38
N PHE B 66 -31.13 -1.49 -9.94
CA PHE B 66 -30.11 -0.51 -9.56
C PHE B 66 -29.43 -0.88 -8.25
N THR B 67 -28.14 -0.58 -8.19
CA THR B 67 -27.31 -0.82 -7.01
C THR B 67 -26.37 0.37 -6.92
N CYS B 68 -25.43 0.35 -5.99
CA CYS B 68 -24.50 1.47 -5.98
C CYS B 68 -23.21 1.21 -6.76
N GLY B 69 -23.13 0.05 -7.40
CA GLY B 69 -21.95 -0.29 -8.19
C GLY B 69 -21.77 -1.77 -8.41
N ALA B 70 -20.70 -2.12 -9.12
CA ALA B 70 -20.47 -3.51 -9.47
C ALA B 70 -20.16 -4.38 -8.24
N SER B 71 -19.56 -3.78 -7.20
CA SER B 71 -19.32 -4.53 -5.95
C SER B 71 -20.64 -4.98 -5.30
N GLU B 72 -21.57 -4.06 -5.10
CA GLU B 72 -22.86 -4.43 -4.56
C GLU B 72 -23.56 -5.42 -5.50
N SER B 73 -23.46 -5.16 -6.81
CA SER B 73 -24.04 -6.07 -7.81
C SER B 73 -23.49 -7.50 -7.74
N ASN B 74 -22.17 -7.64 -7.65
CA ASN B 74 -21.55 -8.95 -7.52
C ASN B 74 -22.02 -9.66 -6.26
N ASN B 75 -22.11 -8.91 -5.16
CA ASN B 75 -22.55 -9.46 -3.90
C ASN B 75 -23.98 -9.98 -3.99
N LEU B 76 -24.86 -9.20 -4.62
CA LEU B 76 -26.27 -9.61 -4.80
C LEU B 76 -26.38 -10.87 -5.67
N ALA B 77 -25.68 -10.89 -6.80
CA ALA B 77 -25.69 -12.06 -7.68
C ALA B 77 -25.28 -13.34 -6.95
N ILE B 78 -24.21 -13.25 -6.16
CA ILE B 78 -23.62 -14.42 -5.52
C ILE B 78 -24.36 -14.84 -4.24
N LYS B 79 -24.48 -13.89 -3.30
CA LYS B 79 -25.15 -14.16 -2.04
C LYS B 79 -26.65 -14.35 -2.23
N GLY B 80 -27.21 -13.71 -3.25
CA GLY B 80 -28.65 -13.85 -3.54
C GLY B 80 -29.01 -15.29 -3.84
N LEU B 81 -28.09 -16.02 -4.46
CA LEU B 81 -28.27 -17.42 -4.69
C LEU B 81 -27.83 -18.27 -3.51
N ALA B 82 -26.70 -17.91 -2.90
CA ALA B 82 -26.14 -18.72 -1.82
C ALA B 82 -27.02 -18.77 -0.61
N PHE B 83 -27.76 -17.69 -0.35
CA PHE B 83 -28.45 -17.51 0.92
C PHE B 83 -29.79 -18.24 0.95
N LYS B 84 -30.16 -18.82 -0.21
CA LYS B 84 -31.30 -19.73 -0.35
C LYS B 84 -30.87 -21.16 -0.08
N ARG B 85 -29.56 -21.37 0.06
CA ARG B 85 -28.98 -22.69 0.16
C ARG B 85 -28.19 -22.87 1.43
N LEU B 86 -28.60 -22.21 2.50
CA LEU B 86 -27.77 -22.20 3.68
C LEU B 86 -27.64 -23.57 4.31
N GLU B 87 -28.67 -24.38 4.25
CA GLU B 87 -28.55 -25.74 4.75
C GLU B 87 -27.78 -26.72 3.86
N GLU B 88 -28.10 -26.77 2.58
CA GLU B 88 -27.50 -27.78 1.71
C GLU B 88 -26.17 -27.31 1.15
N LYS B 89 -25.95 -26.01 1.20
CA LYS B 89 -24.79 -25.39 0.60
C LYS B 89 -24.70 -25.69 -0.88
N GLY B 90 -23.46 -25.86 -1.37
CA GLY B 90 -23.20 -25.97 -2.80
C GLY B 90 -21.85 -25.47 -3.28
N HIS B 91 -21.67 -25.49 -4.59
CA HIS B 91 -20.40 -25.26 -5.21
C HIS B 91 -20.57 -24.17 -6.22
N LEU B 92 -19.56 -23.31 -6.30
CA LEU B 92 -19.58 -22.14 -7.19
CA LEU B 92 -19.63 -22.20 -7.21
C LEU B 92 -18.33 -22.21 -8.01
N ILE B 93 -18.39 -21.84 -9.28
CA ILE B 93 -17.19 -21.75 -10.12
C ILE B 93 -16.91 -20.28 -10.42
N THR B 94 -15.69 -19.85 -10.15
CA THR B 94 -15.24 -18.52 -10.54
C THR B 94 -13.77 -18.59 -11.04
N SER B 95 -13.15 -17.45 -11.26
CA SER B 95 -11.72 -17.44 -11.59
C SER B 95 -10.89 -16.85 -10.46
N SER B 96 -9.60 -17.21 -10.44
CA SER B 96 -8.69 -16.65 -9.44
C SER B 96 -8.26 -15.21 -9.75
N ILE B 97 -8.69 -14.67 -10.89
CA ILE B 97 -8.31 -13.31 -11.28
C ILE B 97 -9.48 -12.32 -11.31
N GLU B 98 -10.59 -12.72 -10.69
CA GLU B 98 -11.72 -11.80 -10.50
C GLU B 98 -11.32 -10.56 -9.68
N HIS B 99 -12.14 -9.51 -9.73
CA HIS B 99 -11.97 -8.38 -8.84
C HIS B 99 -12.06 -8.88 -7.43
N LYS B 100 -11.41 -8.18 -6.51
CA LYS B 100 -11.33 -8.68 -5.15
C LYS B 100 -12.71 -8.80 -4.47
N CYS B 101 -13.68 -8.01 -4.89
CA CYS B 101 -15.00 -8.14 -4.29
C CYS B 101 -15.59 -9.52 -4.52
N VAL B 102 -15.38 -10.10 -5.71
CA VAL B 102 -15.86 -11.45 -6.00
C VAL B 102 -15.08 -12.48 -5.20
N LEU B 103 -13.76 -12.32 -5.15
CA LEU B 103 -12.93 -13.27 -4.41
C LEU B 103 -13.28 -13.28 -2.93
N ASN B 104 -13.52 -12.08 -2.38
CA ASN B 104 -13.83 -11.97 -0.96
C ASN B 104 -15.23 -12.44 -0.61
N THR B 105 -16.23 -12.20 -1.47
CA THR B 105 -17.55 -12.82 -1.17
C THR B 105 -17.51 -14.35 -1.27
N CYS B 106 -16.78 -14.88 -2.25
CA CYS B 106 -16.62 -16.32 -2.34
C CYS B 106 -15.85 -16.90 -1.16
N GLY B 107 -14.85 -16.15 -0.67
CA GLY B 107 -14.10 -16.55 0.52
C GLY B 107 -15.02 -16.64 1.73
N PHE B 108 -15.92 -15.68 1.85
CA PHE B 108 -16.91 -15.71 2.91
C PHE B 108 -17.84 -16.93 2.81
N LEU B 109 -18.32 -17.18 1.60
CA LEU B 109 -19.15 -18.37 1.38
C LEU B 109 -18.41 -19.64 1.80
N GLU B 110 -17.11 -19.74 1.50
CA GLU B 110 -16.34 -20.91 1.96
C GLU B 110 -16.36 -21.02 3.47
N SER B 111 -16.30 -19.86 4.13
CA SER B 111 -16.24 -19.81 5.58
C SER B 111 -17.53 -20.28 6.24
N ILE B 112 -18.64 -20.27 5.48
CA ILE B 112 -19.92 -20.78 5.99
C ILE B 112 -20.32 -22.10 5.31
N GLY B 113 -19.34 -22.76 4.70
CA GLY B 113 -19.49 -24.14 4.26
C GLY B 113 -19.69 -24.40 2.78
N PHE B 114 -19.64 -23.35 1.98
CA PHE B 114 -19.73 -23.48 0.53
C PHE B 114 -18.37 -23.92 -0.05
N ASP B 115 -18.39 -24.63 -1.18
CA ASP B 115 -17.18 -24.98 -1.93
C ASP B 115 -17.02 -24.08 -3.16
N VAL B 116 -15.79 -23.65 -3.42
CA VAL B 116 -15.53 -22.76 -4.55
C VAL B 116 -14.32 -23.24 -5.30
N THR B 117 -14.41 -23.26 -6.63
CA THR B 117 -13.27 -23.53 -7.49
C THR B 117 -12.83 -22.18 -8.07
N TYR B 118 -11.58 -21.80 -7.87
CA TYR B 118 -11.03 -20.61 -8.49
C TYR B 118 -10.15 -21.02 -9.68
N LEU B 119 -10.74 -20.97 -10.88
CA LEU B 119 -10.03 -21.40 -12.10
C LEU B 119 -8.81 -20.54 -12.36
N THR B 120 -7.71 -21.17 -12.73
CA THR B 120 -6.46 -20.43 -12.98
CA THR B 120 -6.51 -20.37 -13.01
C THR B 120 -6.31 -20.10 -14.48
N PRO B 121 -5.99 -18.86 -14.80
CA PRO B 121 -5.96 -18.41 -16.19
C PRO B 121 -4.79 -19.05 -16.95
N LYS B 122 -4.76 -18.89 -18.27
CA LYS B 122 -3.54 -19.21 -19.01
C LYS B 122 -2.61 -18.02 -18.83
N ALA B 123 -1.37 -18.12 -19.31
CA ALA B 123 -0.42 -17.00 -19.23
C ALA B 123 -0.97 -15.78 -19.96
N SER B 124 -1.88 -16.01 -20.88
CA SER B 124 -2.53 -14.93 -21.63
C SER B 124 -3.55 -14.15 -20.79
N GLY B 125 -3.96 -14.72 -19.67
CA GLY B 125 -5.04 -14.18 -18.84
C GLY B 125 -6.38 -14.82 -19.10
N LEU B 126 -6.42 -15.66 -20.14
CA LEU B 126 -7.65 -16.28 -20.56
C LEU B 126 -8.14 -17.41 -19.65
N ILE B 127 -9.45 -17.39 -19.40
CA ILE B 127 -10.17 -18.51 -18.82
C ILE B 127 -10.95 -19.18 -19.95
N SER B 128 -10.92 -20.50 -20.01
CA SER B 128 -11.60 -21.23 -21.08
C SER B 128 -12.93 -21.80 -20.61
N ALA B 129 -13.87 -21.93 -21.55
CA ALA B 129 -15.15 -22.59 -21.28
C ALA B 129 -14.93 -24.08 -20.90
N GLN B 130 -13.92 -24.70 -21.49
CA GLN B 130 -13.63 -26.10 -21.19
C GLN B 130 -13.22 -26.30 -19.73
N GLN B 131 -12.48 -25.36 -19.17
CA GLN B 131 -12.15 -25.54 -17.76
C GLN B 131 -13.34 -25.29 -16.84
N VAL B 132 -14.28 -24.45 -17.28
CA VAL B 132 -15.56 -24.30 -16.57
C VAL B 132 -16.29 -25.64 -16.60
N GLU B 133 -16.37 -26.23 -17.78
CA GLU B 133 -17.07 -27.49 -17.96
C GLU B 133 -16.47 -28.58 -17.09
N GLU B 134 -15.14 -28.65 -17.02
CA GLU B 134 -14.46 -29.66 -16.22
C GLU B 134 -14.62 -29.47 -14.71
N ALA B 135 -14.91 -28.25 -14.28
CA ALA B 135 -15.04 -27.93 -12.85
C ALA B 135 -16.46 -28.20 -12.31
N ILE B 136 -17.42 -28.43 -13.22
CA ILE B 136 -18.82 -28.61 -12.82
C ILE B 136 -19.02 -29.86 -11.98
N ARG B 137 -19.81 -29.70 -10.90
CA ARG B 137 -20.15 -30.81 -10.03
C ARG B 137 -21.67 -30.90 -9.92
N PRO B 138 -22.18 -32.00 -9.39
CA PRO B 138 -23.63 -32.16 -9.24
C PRO B 138 -24.30 -31.02 -8.46
N ASN B 139 -23.59 -30.42 -7.50
CA ASN B 139 -24.10 -29.31 -6.70
C ASN B 139 -23.57 -27.92 -7.06
N THR B 140 -23.06 -27.74 -8.27
CA THR B 140 -22.69 -26.41 -8.77
C THR B 140 -23.95 -25.58 -9.04
N PHE B 141 -24.02 -24.40 -8.41
CA PHE B 141 -25.22 -23.59 -8.52
C PHE B 141 -24.99 -22.19 -9.07
N LEU B 142 -23.73 -21.84 -9.35
CA LEU B 142 -23.40 -20.59 -10.01
C LEU B 142 -22.04 -20.67 -10.67
N ILE B 143 -21.97 -20.13 -11.89
CA ILE B 143 -20.72 -19.82 -12.58
C ILE B 143 -20.66 -18.30 -12.72
N THR B 144 -19.63 -17.70 -12.13
CA THR B 144 -19.35 -16.27 -12.27
C THR B 144 -18.00 -16.04 -12.90
N ILE B 145 -17.95 -15.48 -14.08
CA ILE B 145 -16.66 -15.16 -14.71
C ILE B 145 -16.73 -13.77 -15.29
N HIS B 146 -15.71 -12.94 -15.03
CA HIS B 146 -15.67 -11.55 -15.48
C HIS B 146 -15.56 -11.49 -16.98
N HIS B 147 -16.09 -10.43 -17.58
CA HIS B 147 -16.06 -10.25 -19.04
C HIS B 147 -14.75 -9.67 -19.49
N VAL B 148 -14.41 -8.50 -18.95
CA VAL B 148 -13.10 -7.92 -19.20
C VAL B 148 -12.34 -7.74 -17.88
N ASN B 149 -11.11 -8.20 -17.85
CA ASN B 149 -10.30 -8.11 -16.63
C ASN B 149 -9.85 -6.69 -16.30
N ASN B 150 -10.04 -6.24 -15.06
CA ASN B 150 -9.69 -4.85 -14.72
C ASN B 150 -8.21 -4.51 -14.69
N GLU B 151 -7.35 -5.51 -14.47
CA GLU B 151 -5.92 -5.23 -14.48
C GLU B 151 -5.28 -5.37 -15.85
N LEU B 152 -5.68 -6.40 -16.60
CA LEU B 152 -5.01 -6.79 -17.86
C LEU B 152 -5.73 -6.32 -19.11
N GLY B 153 -7.04 -6.16 -19.01
CA GLY B 153 -7.82 -5.80 -20.17
C GLY B 153 -8.34 -6.99 -20.95
N THR B 154 -8.02 -8.19 -20.46
CA THR B 154 -8.34 -9.45 -21.14
C THR B 154 -9.82 -9.60 -21.40
N VAL B 155 -10.18 -9.85 -22.66
CA VAL B 155 -11.56 -10.14 -23.02
C VAL B 155 -11.82 -11.64 -22.91
N GLN B 156 -12.66 -12.02 -21.96
CA GLN B 156 -12.97 -13.43 -21.69
C GLN B 156 -14.05 -13.99 -22.63
N PRO B 157 -14.03 -15.33 -22.87
CA PRO B 157 -15.00 -15.91 -23.81
C PRO B 157 -16.37 -16.17 -23.16
N ILE B 158 -17.10 -15.09 -22.86
CA ILE B 158 -18.34 -15.21 -22.11
C ILE B 158 -19.41 -15.99 -22.87
N GLU B 159 -19.43 -15.87 -24.19
CA GLU B 159 -20.38 -16.66 -24.96
C GLU B 159 -20.16 -18.16 -24.83
N ASP B 160 -18.91 -18.62 -24.94
CA ASP B 160 -18.60 -20.04 -24.81
C ASP B 160 -18.87 -20.54 -23.39
N ILE B 161 -18.52 -19.72 -22.40
CA ILE B 161 -18.81 -20.04 -21.00
C ILE B 161 -20.32 -20.09 -20.76
N GLY B 162 -21.05 -19.14 -21.34
CA GLY B 162 -22.51 -19.09 -21.22
C GLY B 162 -23.13 -20.33 -21.83
N ASN B 163 -22.52 -20.83 -22.91
CA ASN B 163 -22.99 -22.03 -23.60
C ASN B 163 -22.85 -23.24 -22.70
N VAL B 164 -21.71 -23.35 -22.03
CA VAL B 164 -21.49 -24.42 -21.06
C VAL B 164 -22.51 -24.33 -19.92
N ALA B 165 -22.69 -23.15 -19.36
CA ALA B 165 -23.65 -22.96 -18.27
C ALA B 165 -25.08 -23.31 -18.72
N PHE B 166 -25.43 -22.93 -19.94
CA PHE B 166 -26.73 -23.25 -20.51
C PHE B 166 -26.92 -24.77 -20.65
N GLU B 167 -25.86 -25.46 -21.05
CA GLU B 167 -25.91 -26.91 -21.30
C GLU B 167 -26.12 -27.72 -20.01
N HIS B 168 -25.72 -27.14 -18.88
CA HIS B 168 -25.96 -27.71 -17.57
C HIS B 168 -27.06 -27.08 -16.72
N ASP B 169 -27.79 -26.09 -17.24
CA ASP B 169 -28.81 -25.38 -16.42
C ASP B 169 -28.30 -24.86 -15.09
N ILE B 170 -27.11 -24.28 -15.19
CA ILE B 170 -26.44 -23.53 -14.11
C ILE B 170 -26.45 -22.02 -14.40
N PRO B 171 -26.92 -21.22 -13.42
CA PRO B 171 -26.89 -19.77 -13.57
C PRO B 171 -25.49 -19.23 -13.92
N PHE B 172 -25.46 -18.33 -14.89
CA PHE B 172 -24.24 -17.69 -15.33
C PHE B 172 -24.28 -16.19 -15.08
N HIS B 173 -23.36 -15.74 -14.24
CA HIS B 173 -23.19 -14.33 -13.96
C HIS B 173 -21.88 -13.84 -14.54
N THR B 174 -21.87 -12.62 -15.03
CA THR B 174 -20.61 -12.00 -15.47
C THR B 174 -20.41 -10.60 -14.89
N ASP B 175 -19.23 -10.37 -14.29
CA ASP B 175 -18.83 -9.04 -13.88
C ASP B 175 -18.38 -8.28 -15.13
N ALA B 176 -19.25 -7.39 -15.61
CA ALA B 176 -19.02 -6.60 -16.82
C ALA B 176 -18.65 -5.14 -16.51
N ALA B 177 -18.10 -4.87 -15.33
CA ALA B 177 -17.77 -3.48 -14.98
C ALA B 177 -16.82 -2.84 -15.98
N GLN B 178 -15.92 -3.64 -16.56
CA GLN B 178 -14.94 -3.10 -17.52
C GLN B 178 -15.36 -3.23 -18.98
N SER B 179 -16.44 -3.97 -19.24
CA SER B 179 -16.88 -4.22 -20.62
C SER B 179 -18.13 -3.46 -21.01
N PHE B 180 -18.98 -3.18 -20.04
CA PHE B 180 -20.22 -2.45 -20.29
C PHE B 180 -19.94 -1.17 -21.07
N CYS B 181 -20.67 -0.98 -22.18
CA CYS B 181 -20.55 0.15 -23.12
C CYS B 181 -19.35 0.07 -24.08
N LYS B 182 -18.25 -0.50 -23.62
CA LYS B 182 -17.05 -0.71 -24.45
C LYS B 182 -17.28 -1.76 -25.54
N LEU B 183 -17.96 -2.86 -25.17
CA LEU B 183 -18.20 -4.00 -26.05
C LEU B 183 -19.70 -4.24 -26.17
N ASP B 184 -20.17 -4.72 -27.31
CA ASP B 184 -21.56 -5.12 -27.36
C ASP B 184 -21.86 -6.30 -26.46
N ILE B 185 -22.90 -6.18 -25.65
CA ILE B 185 -23.34 -7.30 -24.85
C ILE B 185 -24.82 -7.46 -25.15
N ASP B 186 -25.17 -8.66 -25.59
CA ASP B 186 -26.57 -9.04 -25.70
C ASP B 186 -26.81 -10.25 -24.81
N VAL B 187 -27.65 -10.01 -23.83
CA VAL B 187 -27.88 -10.94 -22.77
C VAL B 187 -28.43 -12.31 -23.26
N ASP B 188 -29.24 -12.28 -24.32
CA ASP B 188 -29.76 -13.54 -24.86
C ASP B 188 -28.76 -14.28 -25.72
N ASP B 189 -28.03 -13.55 -26.55
CA ASP B 189 -27.01 -14.12 -27.41
C ASP B 189 -25.93 -14.78 -26.57
N MET B 190 -25.61 -14.18 -25.43
CA MET B 190 -24.60 -14.75 -24.55
CA MET B 190 -24.59 -14.76 -24.57
C MET B 190 -25.09 -15.70 -23.50
N ASN B 191 -26.38 -15.95 -23.47
CA ASN B 191 -26.96 -16.78 -22.45
C ASN B 191 -26.62 -16.33 -21.03
N ILE B 192 -26.64 -15.03 -20.81
CA ILE B 192 -26.37 -14.45 -19.48
C ILE B 192 -27.64 -14.44 -18.61
N ASP B 193 -27.47 -14.89 -17.36
CA ASP B 193 -28.55 -14.79 -16.36
C ASP B 193 -28.42 -13.55 -15.49
N MET B 194 -27.21 -13.20 -15.09
CA MET B 194 -26.98 -11.97 -14.34
C MET B 194 -25.71 -11.27 -14.80
N LEU B 195 -25.71 -9.95 -14.71
CA LEU B 195 -24.58 -9.14 -15.17
C LEU B 195 -24.40 -7.88 -14.30
N SER B 196 -23.17 -7.67 -13.81
CA SER B 196 -22.87 -6.48 -13.02
C SER B 196 -22.24 -5.35 -13.82
N LEU B 197 -22.64 -4.11 -13.52
CA LEU B 197 -22.01 -2.93 -14.13
C LEU B 197 -21.85 -1.80 -13.11
N SER B 198 -20.94 -0.87 -13.42
CA SER B 198 -20.55 0.22 -12.54
C SER B 198 -20.60 1.58 -13.28
N GLY B 199 -21.34 2.54 -12.73
CA GLY B 199 -21.48 3.86 -13.33
C GLY B 199 -20.18 4.63 -13.53
N HIS B 200 -19.30 4.59 -12.54
CA HIS B 200 -18.13 5.45 -12.62
C HIS B 200 -17.03 4.88 -13.48
N LYS B 201 -17.30 3.75 -14.13
CA LYS B 201 -16.38 3.21 -15.12
C LYS B 201 -16.72 3.65 -16.55
N VAL B 202 -17.87 4.29 -16.71
CA VAL B 202 -18.40 4.71 -18.02
C VAL B 202 -18.74 6.22 -18.07
N TYR B 203 -17.96 7.00 -17.31
CA TYR B 203 -18.11 8.46 -17.22
C TYR B 203 -19.41 8.88 -16.53
N GLY B 204 -19.97 7.93 -15.77
CA GLY B 204 -21.10 8.18 -14.88
C GLY B 204 -20.64 8.60 -13.50
N PRO B 205 -21.58 9.00 -12.65
CA PRO B 205 -21.20 9.35 -11.30
C PRO B 205 -20.87 8.12 -10.46
N LYS B 206 -20.10 8.37 -9.41
CA LYS B 206 -19.86 7.35 -8.41
C LYS B 206 -21.10 7.10 -7.57
N GLY B 207 -21.18 5.91 -7.01
CA GLY B 207 -22.27 5.53 -6.15
C GLY B 207 -23.48 4.95 -6.87
N ILE B 208 -23.32 4.60 -8.14
CA ILE B 208 -24.42 3.95 -8.87
C ILE B 208 -23.92 2.80 -9.74
N GLY B 209 -24.70 1.74 -9.84
CA GLY B 209 -24.41 0.72 -10.83
C GLY B 209 -25.69 -0.04 -11.04
N ALA B 210 -25.57 -1.24 -11.61
CA ALA B 210 -26.75 -2.07 -11.82
C ALA B 210 -26.42 -3.55 -11.84
N LEU B 211 -27.44 -4.39 -11.62
CA LEU B 211 -27.35 -5.82 -11.85
C LEU B 211 -28.49 -6.22 -12.77
N TYR B 212 -28.15 -6.69 -13.96
CA TYR B 212 -29.13 -7.39 -14.83
C TYR B 212 -29.50 -8.73 -14.17
N VAL B 213 -30.80 -8.97 -14.03
CA VAL B 213 -31.30 -10.26 -13.51
C VAL B 213 -32.38 -10.74 -14.46
N ARG B 214 -32.07 -11.80 -15.20
CA ARG B 214 -33.06 -12.40 -16.10
C ARG B 214 -34.32 -12.75 -15.32
N ASP B 215 -35.47 -12.33 -15.85
CA ASP B 215 -36.76 -12.64 -15.21
C ASP B 215 -36.80 -12.13 -13.76
N ALA B 216 -36.30 -10.92 -13.54
CA ALA B 216 -36.26 -10.33 -12.20
C ALA B 216 -37.59 -10.36 -11.48
N ARG B 217 -38.69 -10.16 -12.22
CA ARG B 217 -40.03 -10.16 -11.63
C ARG B 217 -40.38 -11.44 -10.87
N ASN B 218 -39.80 -12.57 -11.30
CA ASN B 218 -40.05 -13.89 -10.73
C ASN B 218 -38.80 -14.46 -10.04
N SER B 219 -37.80 -13.61 -9.85
CA SER B 219 -36.55 -14.04 -9.27
C SER B 219 -36.70 -14.44 -7.81
N GLU B 220 -36.02 -15.53 -7.46
CA GLU B 220 -36.03 -16.00 -6.09
C GLU B 220 -34.78 -15.55 -5.35
N LEU B 221 -34.03 -14.63 -5.93
CA LEU B 221 -32.84 -14.10 -5.29
CA LEU B 221 -32.84 -14.09 -5.28
C LEU B 221 -33.17 -13.55 -3.90
N VAL B 222 -32.32 -13.87 -2.93
CA VAL B 222 -32.44 -13.26 -1.61
C VAL B 222 -31.86 -11.84 -1.67
N PRO B 223 -32.68 -10.82 -1.36
CA PRO B 223 -32.22 -9.43 -1.38
C PRO B 223 -31.01 -9.24 -0.47
N LEU B 224 -30.02 -8.49 -0.96
CA LEU B 224 -28.86 -8.11 -0.13
C LEU B 224 -29.29 -6.97 0.82
N ILE B 225 -29.98 -5.97 0.26
CA ILE B 225 -30.56 -4.90 1.05
C ILE B 225 -32.08 -5.07 1.03
N HIS B 226 -32.63 -5.50 2.16
CA HIS B 226 -34.09 -5.55 2.32
C HIS B 226 -34.57 -4.16 2.56
N GLY B 227 -35.65 -3.78 1.91
CA GLY B 227 -36.11 -2.41 2.02
C GLY B 227 -37.60 -2.25 1.88
N GLY B 228 -38.01 -1.11 1.33
CA GLY B 228 -39.41 -0.73 1.28
C GLY B 228 -40.17 -1.26 0.09
N GLY B 229 -39.48 -1.96 -0.80
CA GLY B 229 -40.07 -2.51 -2.01
C GLY B 229 -39.45 -2.05 -3.31
N GLN B 230 -38.46 -1.17 -3.24
CA GLN B 230 -37.75 -0.70 -4.42
C GLN B 230 -37.16 -1.86 -5.19
N GLU B 231 -37.03 -1.65 -6.50
CA GLU B 231 -36.39 -2.60 -7.42
C GLU B 231 -37.03 -3.98 -7.34
N LEU B 232 -38.35 -4.01 -7.40
CA LEU B 232 -39.12 -5.26 -7.39
C LEU B 232 -38.91 -6.04 -6.11
N GLY B 233 -38.53 -5.32 -5.06
CA GLY B 233 -38.28 -5.92 -3.75
C GLY B 233 -36.92 -6.57 -3.65
N LEU B 234 -36.14 -6.47 -4.73
CA LEU B 234 -34.81 -7.10 -4.76
C LEU B 234 -33.67 -6.25 -4.16
N ARG B 235 -33.87 -4.93 -4.12
CA ARG B 235 -32.83 -4.00 -3.70
C ARG B 235 -33.43 -2.76 -3.04
N GLY B 236 -33.32 -2.70 -1.72
CA GLY B 236 -33.90 -1.62 -0.93
C GLY B 236 -33.06 -0.35 -0.87
N GLY B 237 -33.66 0.71 -0.31
CA GLY B 237 -33.03 2.03 -0.23
C GLY B 237 -33.68 3.00 -1.19
N THR B 238 -33.80 4.28 -0.80
CA THR B 238 -34.46 5.18 -1.75
C THR B 238 -33.67 5.40 -3.03
N SER B 239 -34.39 5.30 -4.13
CA SER B 239 -33.81 5.43 -5.46
C SER B 239 -33.13 6.78 -5.58
N PRO B 240 -31.81 6.79 -5.86
CA PRO B 240 -31.12 8.07 -5.93
C PRO B 240 -31.25 8.70 -7.33
N THR B 241 -32.35 9.42 -7.54
CA THR B 241 -32.73 9.84 -8.92
C THR B 241 -31.61 10.55 -9.71
N PRO B 242 -30.86 11.47 -9.06
CA PRO B 242 -29.79 12.12 -9.83
C PRO B 242 -28.74 11.13 -10.35
N LEU B 243 -28.32 10.19 -9.51
CA LEU B 243 -27.34 9.16 -9.91
C LEU B 243 -27.86 8.23 -11.02
N ILE B 244 -29.12 7.85 -10.92
CA ILE B 244 -29.76 7.02 -11.93
C ILE B 244 -29.85 7.76 -13.28
N VAL B 245 -30.36 8.99 -13.24
CA VAL B 245 -30.45 9.84 -14.44
C VAL B 245 -29.06 10.02 -15.09
N GLY B 246 -28.06 10.31 -14.27
CA GLY B 246 -26.72 10.52 -14.79
C GLY B 246 -26.17 9.28 -15.45
N LEU B 247 -26.46 8.12 -14.87
CA LEU B 247 -25.99 6.87 -15.45
C LEU B 247 -26.62 6.64 -16.82
N GLY B 248 -27.91 6.94 -16.97
CA GLY B 248 -28.55 6.82 -18.28
C GLY B 248 -27.89 7.71 -19.32
N VAL B 249 -27.55 8.93 -18.94
CA VAL B 249 -26.96 9.90 -19.87
C VAL B 249 -25.57 9.45 -20.27
N ALA B 250 -24.83 8.89 -19.31
CA ALA B 250 -23.50 8.37 -19.56
C ALA B 250 -23.52 7.26 -20.59
N VAL B 251 -24.47 6.33 -20.43
CA VAL B 251 -24.62 5.19 -21.34
C VAL B 251 -24.98 5.68 -22.74
N GLU B 252 -25.95 6.58 -22.79
CA GLU B 252 -26.42 7.03 -24.07
C GLU B 252 -25.36 7.77 -24.88
N HIS B 253 -24.52 8.57 -24.22
CA HIS B 253 -23.50 9.38 -24.91
C HIS B 253 -22.08 8.86 -24.76
N PHE B 254 -21.95 7.56 -24.58
CA PHE B 254 -20.65 6.96 -24.34
C PHE B 254 -19.72 7.21 -25.52
N PRO B 255 -18.46 7.52 -25.24
CA PRO B 255 -17.62 7.97 -26.32
C PRO B 255 -17.55 6.96 -27.36
N SER B 256 -17.60 7.46 -28.54
CA SER B 256 -17.40 6.55 -29.56
C SER B 256 -17.60 7.09 -30.90
N GLU B 257 -16.82 6.45 -31.70
CA GLU B 257 -15.94 5.62 -31.01
C GLU B 257 -15.04 6.66 -30.42
N ALA B 258 -13.97 6.76 -31.19
CA ALA B 258 -12.98 7.73 -31.09
C ALA B 258 -12.32 7.50 -29.78
N SER B 259 -11.14 6.93 -29.89
CA SER B 259 -10.27 6.96 -28.78
C SER B 259 -9.95 8.40 -28.54
N ALA B 260 -9.52 8.70 -27.35
CA ALA B 260 -9.13 10.04 -26.91
C ALA B 260 -7.87 10.52 -27.61
N GLN B 261 -7.58 11.80 -27.48
CA GLN B 261 -6.29 12.26 -27.95
C GLN B 261 -5.16 11.62 -27.13
N GLN B 262 -5.49 11.39 -25.87
CA GLN B 262 -4.58 11.05 -24.84
C GLN B 262 -4.07 9.70 -25.19
N THR B 263 -4.93 8.84 -25.70
CA THR B 263 -4.51 7.51 -26.15
C THR B 263 -3.61 7.87 -27.30
N GLU B 264 -2.45 7.23 -27.42
CA GLU B 264 -1.16 7.88 -27.90
C GLU B 264 -0.54 9.03 -27.03
N PHE B 265 -0.18 8.79 -25.78
CA PHE B 265 0.20 7.49 -25.24
C PHE B 265 0.78 6.44 -26.21
N GLU B 266 0.08 6.09 -27.27
CA GLU B 266 0.52 4.98 -28.16
C GLU B 266 1.90 5.26 -28.76
N LYS B 267 2.14 6.56 -28.96
CA LYS B 267 3.35 7.16 -29.46
CA LYS B 267 3.36 7.18 -29.45
C LYS B 267 4.33 7.69 -28.42
N ILE B 268 4.15 7.41 -27.14
CA ILE B 268 5.13 7.67 -26.11
C ILE B 268 5.62 6.37 -25.50
N ILE B 269 4.72 5.38 -25.29
CA ILE B 269 5.16 4.14 -24.61
CA ILE B 269 5.13 4.16 -24.61
C ILE B 269 6.32 3.49 -25.29
N ASN B 270 6.40 3.53 -26.62
CA ASN B 270 7.38 2.70 -27.32
C ASN B 270 8.77 3.27 -27.18
N GLU B 271 8.82 4.45 -26.57
CA GLU B 271 10.09 5.06 -26.16
C GLU B 271 10.67 4.21 -25.09
N TYR B 272 9.89 3.24 -24.69
CA TYR B 272 10.28 2.44 -23.56
C TYR B 272 10.30 0.96 -23.88
N SER B 273 11.08 0.22 -23.11
CA SER B 273 11.28 -1.19 -23.36
C SER B 273 10.41 -2.03 -22.43
N PHE B 274 9.43 -2.73 -22.99
CA PHE B 274 8.45 -3.43 -22.19
C PHE B 274 7.84 -4.64 -22.92
N SER B 275 7.14 -5.47 -22.14
CA SER B 275 6.34 -6.53 -22.69
C SER B 275 4.90 -6.34 -22.22
N ARG B 276 3.95 -6.48 -23.12
CA ARG B 276 2.55 -6.27 -22.74
C ARG B 276 1.87 -7.56 -22.35
N ASN B 277 1.39 -7.60 -21.12
CA ASN B 277 0.64 -8.75 -20.62
C ASN B 277 -0.77 -8.81 -21.22
N SER B 278 -1.20 -10.03 -21.57
CA SER B 278 -2.44 -10.26 -22.32
C SER B 278 -2.44 -9.44 -23.62
N GLY B 279 -1.27 -9.25 -24.22
CA GLY B 279 -1.10 -8.40 -25.40
C GLY B 279 -1.92 -8.75 -26.65
N ASP B 280 -2.33 -10.01 -26.79
CA ASP B 280 -3.15 -10.44 -27.90
C ASP B 280 -4.62 -10.53 -27.56
N ASN B 281 -4.96 -10.29 -26.30
CA ASN B 281 -6.30 -10.56 -25.80
C ASN B 281 -6.90 -9.38 -25.04
N ALA B 282 -6.13 -8.30 -24.95
CA ALA B 282 -6.55 -7.12 -24.19
C ALA B 282 -7.19 -6.03 -25.04
N LEU B 283 -8.15 -5.32 -24.46
CA LEU B 283 -8.69 -4.07 -25.01
C LEU B 283 -7.61 -3.02 -25.19
N SER B 284 -7.79 -2.19 -26.22
CA SER B 284 -6.80 -1.18 -26.58
C SER B 284 -6.62 -0.10 -25.51
N THR B 285 -7.57 -0.05 -24.58
CA THR B 285 -7.54 0.99 -23.57
C THR B 285 -6.94 0.57 -22.22
N THR B 286 -6.64 -0.71 -22.04
CA THR B 286 -5.76 -1.06 -20.91
C THR B 286 -4.48 -1.78 -21.33
N TRP B 287 -3.38 -1.16 -20.96
CA TRP B 287 -2.05 -1.64 -21.28
C TRP B 287 -1.41 -2.03 -19.99
N ASN B 288 -1.42 -3.33 -19.70
CA ASN B 288 -0.70 -3.87 -18.56
C ASN B 288 0.67 -4.28 -19.07
N VAL B 289 1.68 -3.52 -18.64
CA VAL B 289 3.02 -3.64 -19.20
C VAL B 289 4.08 -3.93 -18.16
N THR B 290 4.95 -4.88 -18.50
CA THR B 290 6.11 -5.25 -17.69
C THR B 290 7.35 -4.67 -18.34
N PHE B 291 7.96 -3.70 -17.67
CA PHE B 291 9.20 -3.07 -18.12
C PHE B 291 10.36 -4.03 -17.96
N GLU B 292 11.37 -3.89 -18.82
CA GLU B 292 12.46 -4.87 -18.92
C GLU B 292 13.33 -5.05 -17.68
N ASN B 293 13.72 -3.94 -17.07
CA ASN B 293 14.91 -3.87 -16.18
C ASN B 293 14.36 -3.03 -15.05
N ASP B 294 14.92 -3.06 -13.84
CA ASP B 294 14.56 -2.00 -12.93
C ASP B 294 15.01 -0.61 -13.39
N ASP B 295 16.02 -0.58 -14.26
CA ASP B 295 16.56 0.69 -14.75
C ASP B 295 15.56 1.35 -15.70
N GLU B 296 14.85 0.55 -16.49
CA GLU B 296 13.86 1.03 -17.44
C GLU B 296 12.65 1.57 -16.69
N VAL B 297 12.28 0.92 -15.59
CA VAL B 297 11.19 1.41 -14.74
C VAL B 297 11.50 2.82 -14.20
N LYS B 298 12.75 2.99 -13.75
CA LYS B 298 13.21 4.25 -13.17
C LYS B 298 13.19 5.39 -14.19
N ARG B 299 13.62 5.06 -15.41
CA ARG B 299 13.59 5.99 -16.49
C ARG B 299 12.17 6.38 -16.85
N PHE B 300 11.27 5.40 -17.01
CA PHE B 300 9.85 5.67 -17.31
C PHE B 300 9.18 6.56 -16.27
N THR B 301 9.38 6.26 -14.99
CA THR B 301 8.67 7.02 -13.95
C THR B 301 9.23 8.43 -13.75
N SER B 302 10.54 8.59 -13.93
CA SER B 302 11.15 9.93 -13.85
C SER B 302 10.78 10.83 -15.03
N GLU B 303 10.66 10.25 -16.22
CA GLU B 303 10.33 11.03 -17.41
C GLU B 303 8.84 11.34 -17.49
N ARG B 304 8.01 10.42 -17.00
CA ARG B 304 6.57 10.54 -17.12
C ARG B 304 5.90 10.58 -15.76
N ASN B 305 5.25 11.68 -15.45
CA ASN B 305 4.61 11.77 -14.16
C ASN B 305 3.17 11.27 -14.27
N TRP B 306 2.99 9.99 -14.57
CA TRP B 306 1.65 9.47 -14.87
C TRP B 306 1.00 8.84 -13.66
N LEU B 307 -0.29 9.12 -13.44
CA LEU B 307 -1.00 8.43 -12.38
C LEU B 307 -1.55 7.15 -12.94
N ILE B 308 -0.99 6.06 -12.43
CA ILE B 308 -1.24 4.71 -12.93
C ILE B 308 -1.46 3.74 -11.77
N SER B 309 -1.39 2.46 -12.05
CA SER B 309 -1.78 1.51 -11.01
C SER B 309 -0.88 0.28 -11.01
N GLN B 310 -0.68 -0.37 -9.86
CA GLN B 310 0.16 -1.58 -9.91
C GLN B 310 -0.55 -2.85 -9.52
N GLY B 311 -1.62 -2.74 -8.79
CA GLY B 311 -2.36 -3.93 -8.51
C GLY B 311 -3.36 -3.49 -7.49
N SER B 312 -4.06 -4.45 -6.90
CA SER B 312 -5.15 -4.19 -5.95
C SER B 312 -4.64 -3.57 -4.67
N ALA B 313 -5.56 -2.89 -3.98
CA ALA B 313 -5.31 -2.29 -2.63
C ALA B 313 -4.91 -3.32 -1.56
N SER B 314 -5.55 -4.49 -1.60
CA SER B 314 -5.19 -5.51 -0.64
C SER B 314 -3.81 -6.05 -0.89
N ASN B 315 -3.40 -6.18 -2.15
CA ASN B 315 -2.02 -6.54 -2.39
C ASN B 315 -1.05 -5.47 -1.96
N ALA B 316 -1.44 -4.21 -2.11
CA ALA B 316 -0.52 -3.18 -1.62
C ALA B 316 -0.36 -3.30 -0.12
N MET B 317 -1.45 -3.62 0.56
CA MET B 317 -1.48 -3.66 1.98
C MET B 317 -0.71 -4.86 2.52
N SER B 318 -0.73 -5.96 1.81
CA SER B 318 0.02 -7.13 2.21
C SER B 318 1.44 -7.13 1.66
N ASN B 319 1.82 -6.06 0.94
CA ASN B 319 3.15 -5.99 0.32
C ASN B 319 3.43 -7.22 -0.54
N THR B 320 2.46 -7.56 -1.40
CA THR B 320 2.58 -8.70 -2.33
C THR B 320 2.19 -8.27 -3.75
N PRO B 321 2.65 -9.03 -4.74
CA PRO B 321 2.35 -8.67 -6.12
C PRO B 321 0.86 -8.79 -6.35
N SER B 322 0.38 -8.18 -7.43
CA SER B 322 -1.00 -8.32 -7.88
C SER B 322 -1.41 -9.78 -7.92
N HIS B 323 -2.60 -10.10 -7.43
CA HIS B 323 -3.08 -11.46 -7.50
C HIS B 323 -3.24 -11.85 -8.92
N VAL B 324 -3.53 -10.89 -9.78
CA VAL B 324 -3.78 -11.17 -11.20
C VAL B 324 -2.46 -11.55 -11.86
N LEU B 325 -1.45 -10.72 -11.63
CA LEU B 325 -0.12 -10.98 -12.20
C LEU B 325 0.48 -12.32 -11.77
N THR B 326 0.30 -12.67 -10.51
CA THR B 326 0.83 -13.96 -10.05
C THR B 326 0.06 -15.15 -10.61
N ALA B 327 -1.24 -14.99 -10.79
CA ALA B 327 -2.03 -16.04 -11.35
C ALA B 327 -1.65 -16.35 -12.79
N ILE B 328 -1.26 -15.31 -13.53
CA ILE B 328 -0.88 -15.49 -14.94
C ILE B 328 0.57 -15.97 -15.06
N GLY B 329 1.25 -16.05 -13.93
CA GLY B 329 2.56 -16.70 -13.90
C GLY B 329 3.77 -15.79 -13.90
N LEU B 330 3.58 -14.50 -13.64
CA LEU B 330 4.71 -13.58 -13.52
C LEU B 330 5.41 -13.79 -12.19
N SER B 331 6.73 -13.63 -12.19
CA SER B 331 7.48 -13.75 -10.95
C SER B 331 7.26 -12.47 -10.18
N GLU B 332 7.64 -12.48 -8.90
CA GLU B 332 7.51 -11.30 -8.05
C GLU B 332 8.33 -10.16 -8.60
N ALA B 333 9.53 -10.47 -9.08
CA ALA B 333 10.39 -9.46 -9.68
C ALA B 333 9.74 -8.85 -10.93
N GLU B 334 9.16 -9.69 -11.77
CA GLU B 334 8.46 -9.18 -12.93
C GLU B 334 7.28 -8.33 -12.46
N ALA B 335 6.53 -8.81 -11.47
CA ALA B 335 5.38 -8.05 -10.98
C ALA B 335 5.79 -6.65 -10.50
N ARG B 336 6.97 -6.55 -9.90
CA ARG B 336 7.43 -5.27 -9.42
C ARG B 336 7.55 -4.26 -10.54
N ARG B 337 7.91 -4.70 -11.76
CA ARG B 337 8.13 -3.81 -12.89
C ARG B 337 6.90 -3.68 -13.73
N THR B 338 5.74 -4.08 -13.21
CA THR B 338 4.54 -4.14 -14.03
C THR B 338 3.52 -3.08 -13.61
N TYR B 339 2.98 -2.37 -14.61
CA TYR B 339 2.05 -1.26 -14.40
C TYR B 339 0.86 -1.37 -15.33
N ARG B 340 -0.32 -1.05 -14.80
CA ARG B 340 -1.51 -0.90 -15.62
C ARG B 340 -1.66 0.56 -15.99
N ILE B 341 -1.52 0.83 -17.28
CA ILE B 341 -1.70 2.15 -17.85
C ILE B 341 -3.02 2.07 -18.62
N SER B 342 -4.02 2.83 -18.19
CA SER B 342 -5.35 2.74 -18.81
C SER B 342 -5.83 4.08 -19.35
N LEU B 343 -6.64 4.01 -20.40
CA LEU B 343 -6.95 5.16 -21.23
C LEU B 343 -8.45 5.43 -21.24
N PRO B 344 -8.86 6.63 -21.67
CA PRO B 344 -10.28 6.98 -21.66
C PRO B 344 -11.08 5.95 -22.44
N PRO B 345 -12.08 5.32 -21.82
CA PRO B 345 -12.85 4.29 -22.52
C PRO B 345 -13.69 4.84 -23.65
N TYR B 346 -13.92 3.98 -24.62
CA TYR B 346 -14.82 4.28 -25.73
C TYR B 346 -15.31 3.00 -26.33
N LYS B 347 -16.22 3.07 -27.27
CA LYS B 347 -16.73 1.85 -27.84
C LYS B 347 -15.74 1.33 -28.87
N VAL B 348 -15.02 0.27 -28.53
CA VAL B 348 -13.80 -0.10 -29.23
C VAL B 348 -14.00 -0.77 -30.53
N1 PLP C . 19.51 2.82 15.70
C2 PLP C . 20.23 3.81 15.12
C2A PLP C . 20.77 3.59 13.73
C3 PLP C . 20.48 5.06 15.86
O3 PLP C . 21.20 6.11 15.34
C4 PLP C . 19.89 5.16 17.22
C4A PLP C . 20.06 6.35 18.03
C5 PLP C . 19.12 4.00 17.75
C6 PLP C . 18.97 2.89 16.94
C5A PLP C . 18.53 4.06 19.14
O4P PLP C . 17.49 5.04 19.21
P PLP C . 16.99 5.68 20.61
O1P PLP C . 18.16 6.53 21.03
O2P PLP C . 16.65 4.49 21.48
O3P PLP C . 15.77 6.49 20.22
N CYS D . 23.72 5.64 18.54
CA CYS D . 24.61 6.16 19.53
C CYS D . 25.76 6.76 18.79
O CYS D . 26.30 7.77 19.23
CB CYS D . 25.14 5.03 20.38
SG CYS D . 26.27 5.82 21.50
OXT CYS D . 26.16 6.21 17.77
N1 PLP E . -15.41 -5.52 -10.82
C2 PLP E . -14.62 -5.00 -11.80
C2A PLP E . -14.14 -5.90 -12.91
C3 PLP E . -14.27 -3.55 -11.78
O3 PLP E . -13.49 -2.97 -12.73
C4 PLP E . -14.82 -2.77 -10.65
C4A PLP E . -14.54 -1.34 -10.50
C5 PLP E . -15.66 -3.44 -9.63
C6 PLP E . -15.90 -4.80 -9.79
C5A PLP E . -16.21 -2.68 -8.45
O4P PLP E . -17.17 -1.70 -8.86
P PLP E . -17.61 -0.44 -7.96
O1P PLP E . -16.35 0.38 -7.94
O2P PLP E . -18.04 -1.03 -6.64
O3P PLP E . -18.74 0.21 -8.72
N CYS F . -8.64 -0.36 -7.01
CA CYS F . -8.39 -1.64 -7.72
C CYS F . -8.56 -1.36 -9.24
O CYS F . -8.21 -0.31 -9.82
CB CYS F . -9.29 -2.81 -7.16
SG CYS F . -8.85 -3.62 -5.57
OXT CYS F . -9.06 -2.18 -9.97
#